data_3U9I
#
_entry.id   3U9I
#
_cell.length_a   209.888
_cell.length_b   209.888
_cell.length_c   116.601
_cell.angle_alpha   90.00
_cell.angle_beta   90.00
_cell.angle_gamma   120.00
#
_symmetry.space_group_name_H-M   'H 3 2'
#
loop_
_entity.id
_entity.type
_entity.pdbx_description
1 polymer 'Mandelate racemase/muconate lactonizing enzyme, C-terminal domain protein'
2 non-polymer 'SULFATE ION'
3 water water
#
_entity_poly.entity_id   1
_entity_poly.type   'polypeptide(L)'
_entity_poly.pdbx_seq_one_letter_code
;MHHHHHHSSGVDLGTENLYFQSMTAPTTIRALTVAPLDIPLHEPFGIASGAQEVARNLLVAVELTDGTRGYGEAAPFPAF
NGETQDMAHAAILAARSLVEGADVREWRRIALALPALPGMTGSARCAIETAILDALTRRARLPLWAFFGGAATSLETDVT
ITTGSVTAAARAAQAIVARGVTTIKIKIGAGDPDATTIRTMEHDLARIVAIRDVAPTARLILDGNCGYTAPDALRLLDML
GVHGIVPALFEQPVAKDDEEGLRRLTATRRVPVAADESVASATDAARLARNAAVDVLNIKLMKCGIVEALDIAAIARTAG
LHLMIGGMVESLLAMTVSACFAAGQGGFRFVDLDTPLFLAENPFDGGMTYHGGTIDLTLIEAGHGVTPRSPAL
;
_entity_poly.pdbx_strand_id   A,B
#
loop_
_chem_comp.id
_chem_comp.type
_chem_comp.name
_chem_comp.formula
SO4 non-polymer 'SULFATE ION' 'O4 S -2'
#
# COMPACT_ATOMS: atom_id res chain seq x y z
N THR A 24 17.83 9.80 24.30
CA THR A 24 17.20 8.68 23.62
C THR A 24 15.70 8.90 23.45
N ALA A 25 15.26 9.10 22.22
CA ALA A 25 13.84 9.33 21.93
C ALA A 25 12.99 8.20 22.49
N PRO A 26 11.79 8.55 22.99
CA PRO A 26 10.87 7.59 23.64
C PRO A 26 10.49 6.47 22.68
N THR A 27 10.64 6.73 21.39
CA THR A 27 10.20 5.80 20.36
C THR A 27 11.29 4.78 20.01
N THR A 28 12.45 4.92 20.65
CA THR A 28 13.56 4.00 20.41
C THR A 28 13.27 2.63 21.01
N ILE A 29 13.65 1.59 20.27
CA ILE A 29 13.50 0.23 20.76
C ILE A 29 14.62 -0.13 21.72
N ARG A 30 14.26 -0.37 22.98
CA ARG A 30 15.22 -0.73 24.00
C ARG A 30 15.61 -2.21 23.92
N ALA A 31 14.63 -3.07 23.66
CA ALA A 31 14.86 -4.51 23.75
C ALA A 31 13.98 -5.36 22.85
N LEU A 32 14.61 -6.18 22.01
CA LEU A 32 13.90 -7.20 21.24
C LEU A 32 13.96 -8.54 21.96
N THR A 33 12.80 -9.15 22.17
CA THR A 33 12.66 -10.30 23.05
C THR A 33 11.89 -11.44 22.38
N VAL A 34 12.20 -12.68 22.76
CA VAL A 34 11.41 -13.81 22.29
C VAL A 34 11.38 -14.93 23.33
N ALA A 35 10.25 -15.61 23.42
CA ALA A 35 10.03 -16.67 24.40
C ALA A 35 9.22 -17.79 23.78
N PRO A 36 9.38 -19.02 24.28
CA PRO A 36 8.55 -20.10 23.75
C PRO A 36 7.07 -19.76 23.89
N LEU A 37 6.28 -20.16 22.88
CA LEU A 37 4.84 -20.01 22.90
C LEU A 37 4.21 -21.34 22.51
N ASP A 38 4.24 -22.29 23.43
CA ASP A 38 3.75 -23.64 23.15
C ASP A 38 2.29 -23.79 23.55
N ILE A 39 1.42 -23.98 22.57
CA ILE A 39 -0.01 -24.07 22.82
C ILE A 39 -0.58 -25.43 22.41
N PRO A 40 -1.12 -26.16 23.39
CA PRO A 40 -1.67 -27.51 23.24
C PRO A 40 -2.87 -27.54 22.31
N LEU A 41 -2.76 -28.30 21.22
CA LEU A 41 -3.85 -28.42 20.26
C LEU A 41 -5.03 -29.20 20.83
N HIS A 42 -6.12 -28.49 21.12
CA HIS A 42 -7.35 -29.14 21.56
C HIS A 42 -7.60 -30.44 20.81
N GLU A 53 -1.80 -32.78 19.17
CA GLU A 53 -0.47 -32.25 18.89
C GLU A 53 -0.21 -31.01 19.74
N VAL A 54 0.82 -30.25 19.36
CA VAL A 54 1.12 -29.00 20.03
C VAL A 54 1.71 -28.00 19.04
N ALA A 55 1.33 -26.72 19.19
CA ALA A 55 1.88 -25.66 18.35
C ALA A 55 3.10 -25.04 19.00
N ARG A 56 4.27 -25.22 18.37
CA ARG A 56 5.50 -24.68 18.91
C ARG A 56 5.72 -23.28 18.36
N ASN A 57 5.13 -22.28 19.01
CA ASN A 57 5.24 -20.90 18.53
C ASN A 57 6.18 -20.05 19.38
N LEU A 58 6.34 -18.80 18.98
CA LEU A 58 7.24 -17.88 19.68
C LEU A 58 6.52 -16.58 19.97
N LEU A 59 6.61 -16.11 21.21
CA LEU A 59 6.08 -14.80 21.54
C LEU A 59 7.20 -13.78 21.48
N VAL A 60 7.18 -12.95 20.45
CA VAL A 60 8.14 -11.86 20.30
C VAL A 60 7.62 -10.61 21.00
N ALA A 61 8.54 -9.76 21.47
CA ALA A 61 8.15 -8.54 22.16
C ALA A 61 9.18 -7.46 21.98
N VAL A 62 8.76 -6.26 21.62
CA VAL A 62 9.66 -5.12 21.60
C VAL A 62 9.28 -4.25 22.78
N GLU A 63 10.29 -3.64 23.39
CA GLU A 63 10.05 -2.66 24.44
C GLU A 63 10.73 -1.36 24.06
N LEU A 64 9.98 -0.27 24.12
CA LEU A 64 10.49 1.03 23.76
C LEU A 64 11.09 1.69 24.99
N THR A 65 12.00 2.64 24.77
CA THR A 65 12.56 3.44 25.84
C THR A 65 11.46 3.94 26.80
N ASP A 66 10.40 4.50 26.25
CA ASP A 66 9.35 5.11 27.08
C ASP A 66 8.51 4.10 27.86
N GLY A 67 8.79 2.80 27.68
CA GLY A 67 8.11 1.77 28.44
C GLY A 67 7.11 0.96 27.62
N THR A 68 6.74 1.49 26.46
CA THR A 68 5.74 0.84 25.61
C THR A 68 6.19 -0.54 25.16
N ARG A 69 5.29 -1.52 25.30
CA ARG A 69 5.57 -2.87 24.85
C ARG A 69 4.64 -3.29 23.72
N GLY A 70 5.21 -3.90 22.68
CA GLY A 70 4.43 -4.45 21.59
C GLY A 70 4.70 -5.93 21.42
N TYR A 71 3.72 -6.68 20.92
CA TYR A 71 3.89 -8.11 20.79
C TYR A 71 3.67 -8.63 19.38
N GLY A 72 4.37 -9.71 19.05
CA GLY A 72 4.22 -10.39 17.78
C GLY A 72 4.32 -11.88 17.99
N GLU A 73 3.80 -12.67 17.06
CA GLU A 73 3.85 -14.12 17.19
C GLU A 73 4.42 -14.78 15.94
N ALA A 74 5.40 -15.65 16.14
CA ALA A 74 5.94 -16.47 15.06
C ALA A 74 5.39 -17.88 15.17
N ALA A 75 4.66 -18.32 14.15
CA ALA A 75 4.11 -19.66 14.14
C ALA A 75 4.62 -20.42 12.93
N PRO A 76 5.87 -20.92 13.02
CA PRO A 76 6.50 -21.61 11.89
C PRO A 76 5.92 -23.00 11.75
N PHE A 77 5.77 -23.44 10.49
CA PHE A 77 5.16 -24.73 10.20
C PHE A 77 6.17 -25.55 9.40
N PRO A 78 6.81 -26.52 10.07
CA PRO A 78 7.88 -27.30 9.43
C PRO A 78 7.32 -28.16 8.31
N ALA A 79 6.13 -28.72 8.54
CA ALA A 79 5.48 -29.54 7.53
C ALA A 79 5.23 -28.77 6.24
N PHE A 80 5.30 -27.44 6.30
CA PHE A 80 5.02 -26.61 5.13
C PHE A 80 6.26 -26.20 4.34
N ASN A 81 7.19 -25.53 5.00
CA ASN A 81 8.40 -25.05 4.33
C ASN A 81 9.68 -25.46 5.06
N GLY A 82 9.56 -26.40 5.99
CA GLY A 82 10.70 -26.90 6.72
C GLY A 82 11.31 -25.86 7.64
N GLU A 83 10.52 -24.86 7.99
CA GLU A 83 10.95 -23.87 8.96
C GLU A 83 10.53 -24.36 10.36
N THR A 84 11.34 -24.06 11.36
CA THR A 84 11.13 -24.63 12.68
C THR A 84 11.12 -23.61 13.81
N GLN A 85 10.48 -23.96 14.92
CA GLN A 85 10.44 -23.10 16.09
C GLN A 85 11.82 -22.54 16.42
N ASP A 86 12.81 -23.42 16.42
CA ASP A 86 14.17 -23.06 16.82
C ASP A 86 14.86 -22.22 15.76
N MET A 87 14.63 -22.57 14.51
CA MET A 87 15.21 -21.87 13.38
C MET A 87 14.80 -20.40 13.42
N ALA A 88 13.54 -20.15 13.79
CA ALA A 88 12.99 -18.80 13.82
C ALA A 88 13.36 -18.07 15.09
N HIS A 89 13.61 -18.83 16.15
CA HIS A 89 14.05 -18.26 17.42
C HIS A 89 15.40 -17.60 17.22
N ALA A 90 16.27 -18.27 16.46
CA ALA A 90 17.59 -17.75 16.17
C ALA A 90 17.50 -16.50 15.32
N ALA A 91 16.61 -16.54 14.32
CA ALA A 91 16.39 -15.40 13.43
C ALA A 91 16.06 -14.12 14.21
N ILE A 92 15.15 -14.25 15.16
CA ILE A 92 14.71 -13.12 15.96
C ILE A 92 15.86 -12.54 16.80
N LEU A 93 16.55 -13.41 17.52
CA LEU A 93 17.70 -12.99 18.34
C LEU A 93 18.80 -12.39 17.46
N ALA A 94 19.07 -13.02 16.33
CA ALA A 94 20.03 -12.49 15.37
C ALA A 94 19.62 -11.10 14.87
N ALA A 95 18.33 -10.81 14.93
CA ALA A 95 17.81 -9.54 14.45
C ALA A 95 17.98 -8.41 15.48
N ARG A 96 18.39 -8.76 16.69
CA ARG A 96 18.59 -7.77 17.74
C ARG A 96 19.55 -6.67 17.30
N SER A 97 20.52 -7.03 16.49
CA SER A 97 21.53 -6.09 16.03
C SER A 97 20.88 -4.93 15.29
N LEU A 98 19.93 -5.26 14.42
CA LEU A 98 19.24 -4.26 13.60
C LEU A 98 18.10 -3.58 14.35
N VAL A 99 17.26 -4.38 14.98
CA VAL A 99 16.03 -3.89 15.61
C VAL A 99 16.28 -3.07 16.88
N GLU A 100 17.08 -3.61 17.80
CA GLU A 100 17.41 -2.89 19.02
C GLU A 100 18.17 -1.61 18.70
N GLY A 101 17.66 -0.50 19.19
CA GLY A 101 18.29 0.79 18.92
C GLY A 101 17.70 1.56 17.75
N ALA A 102 16.78 0.92 17.03
CA ALA A 102 16.06 1.58 15.95
C ALA A 102 14.82 2.26 16.50
N ASP A 103 14.20 3.12 15.69
CA ASP A 103 13.01 3.84 16.11
C ASP A 103 11.79 3.12 15.57
N VAL A 104 10.79 2.94 16.41
CA VAL A 104 9.60 2.21 15.98
C VAL A 104 8.84 3.03 14.92
N ARG A 105 9.14 4.32 14.84
CA ARG A 105 8.55 5.22 13.85
C ARG A 105 8.99 4.85 12.45
N GLU A 106 10.00 3.99 12.36
CA GLU A 106 10.54 3.60 11.06
C GLU A 106 10.26 2.13 10.76
N TRP A 107 9.05 1.71 11.11
CA TRP A 107 8.63 0.32 10.91
C TRP A 107 8.91 -0.19 9.50
N ARG A 108 8.74 0.66 8.50
CA ARG A 108 8.91 0.21 7.12
C ARG A 108 10.35 -0.08 6.72
N ARG A 109 11.30 0.75 7.15
CA ARG A 109 12.68 0.49 6.76
C ARG A 109 13.28 -0.69 7.52
N ILE A 110 13.00 -0.78 8.81
CA ILE A 110 13.30 -1.98 9.55
C ILE A 110 12.78 -3.19 8.79
N ALA A 111 11.49 -3.16 8.49
CA ALA A 111 10.81 -4.29 7.87
C ALA A 111 11.41 -4.71 6.53
N LEU A 112 11.79 -3.72 5.73
CA LEU A 112 12.35 -3.99 4.41
C LEU A 112 13.75 -4.57 4.53
N ALA A 113 14.31 -4.51 5.72
CA ALA A 113 15.69 -4.85 5.97
C ALA A 113 15.92 -6.21 6.57
N LEU A 114 14.90 -6.78 7.15
CA LEU A 114 15.00 -8.06 7.79
C LEU A 114 15.41 -9.13 6.82
N PRO A 115 14.67 -9.29 5.76
CA PRO A 115 15.05 -10.25 4.75
C PRO A 115 16.51 -10.58 4.65
N ALA A 116 17.41 -9.63 4.76
CA ALA A 116 18.81 -9.96 4.56
C ALA A 116 19.49 -10.43 5.82
N LEU A 117 19.07 -9.94 6.96
CA LEU A 117 19.68 -10.42 8.15
C LEU A 117 19.98 -11.87 7.95
N PRO A 118 21.05 -12.31 8.59
CA PRO A 118 21.53 -13.70 8.45
C PRO A 118 20.69 -14.71 9.22
N GLY A 119 19.99 -15.56 8.48
CA GLY A 119 19.24 -16.65 9.04
C GLY A 119 17.80 -16.30 9.18
N MET A 120 17.40 -15.32 8.42
CA MET A 120 16.04 -14.81 8.53
C MET A 120 15.01 -15.83 8.10
N THR A 121 13.95 -15.90 8.89
CA THR A 121 12.85 -16.82 8.67
C THR A 121 11.61 -15.96 8.42
N GLY A 122 10.80 -16.37 7.45
CA GLY A 122 9.57 -15.65 7.14
C GLY A 122 8.72 -15.35 8.35
N SER A 123 8.51 -16.36 9.19
CA SER A 123 7.61 -16.21 10.32
C SER A 123 8.17 -15.29 11.39
N ALA A 124 9.47 -15.07 11.37
CA ALA A 124 10.08 -14.16 12.34
C ALA A 124 10.02 -12.74 11.81
N ARG A 125 9.89 -12.61 10.49
CA ARG A 125 9.67 -11.31 9.87
C ARG A 125 8.28 -10.83 10.25
N CYS A 126 7.33 -11.75 10.23
CA CYS A 126 5.97 -11.43 10.59
C CYS A 126 5.88 -11.05 12.06
N ALA A 127 6.53 -11.86 12.89
CA ALA A 127 6.48 -11.68 14.34
C ALA A 127 7.14 -10.37 14.75
N ILE A 128 8.28 -10.06 14.13
CA ILE A 128 8.98 -8.81 14.41
C ILE A 128 8.13 -7.61 13.97
N GLU A 129 7.83 -7.55 12.68
CA GLU A 129 7.01 -6.49 12.12
C GLU A 129 5.74 -6.25 12.94
N THR A 130 5.05 -7.33 13.27
CA THR A 130 3.86 -7.22 14.10
C THR A 130 4.16 -6.53 15.42
N ALA A 131 5.13 -7.07 16.18
CA ALA A 131 5.55 -6.49 17.45
C ALA A 131 5.88 -5.00 17.34
N ILE A 132 6.59 -4.63 16.28
CA ILE A 132 6.94 -3.24 16.03
C ILE A 132 5.71 -2.36 15.76
N LEU A 133 4.85 -2.78 14.83
CA LEU A 133 3.61 -2.04 14.56
C LEU A 133 2.70 -1.98 15.78
N ASP A 134 2.67 -3.06 16.57
CA ASP A 134 1.83 -3.08 17.75
C ASP A 134 2.31 -2.08 18.79
N ALA A 135 3.61 -1.79 18.79
CA ALA A 135 4.18 -0.85 19.75
C ALA A 135 3.91 0.57 19.29
N LEU A 136 4.08 0.81 18.00
CA LEU A 136 3.86 2.12 17.41
C LEU A 136 2.42 2.58 17.61
N THR A 137 1.47 1.67 17.35
CA THR A 137 0.06 2.00 17.39
C THR A 137 -0.59 1.78 18.77
N ARG A 138 0.11 1.13 19.67
CA ARG A 138 -0.39 1.00 21.03
C ARG A 138 -0.11 2.32 21.73
N ARG A 139 1.08 2.83 21.49
CA ARG A 139 1.54 4.08 22.07
C ARG A 139 0.69 5.25 21.57
N ALA A 140 0.17 5.14 20.35
CA ALA A 140 -0.60 6.22 19.73
C ALA A 140 -2.11 6.08 19.95
N ARG A 141 -2.49 5.20 20.88
CA ARG A 141 -3.91 4.92 21.14
C ARG A 141 -4.64 4.83 19.82
N LEU A 142 -4.17 3.91 18.98
CA LEU A 142 -4.62 3.78 17.59
C LEU A 142 -4.87 2.31 17.27
N PRO A 143 -6.14 1.89 17.22
CA PRO A 143 -6.43 0.50 16.87
C PRO A 143 -5.69 0.10 15.60
N LEU A 144 -5.33 -1.16 15.49
CA LEU A 144 -4.51 -1.61 14.37
C LEU A 144 -5.36 -1.56 13.11
N TRP A 145 -6.60 -2.03 13.22
CA TRP A 145 -7.51 -2.01 12.09
C TRP A 145 -7.67 -0.61 11.52
N ALA A 146 -7.60 0.40 12.39
CA ALA A 146 -7.56 1.79 11.98
C ALA A 146 -6.28 2.13 11.21
N PHE A 147 -5.14 1.62 11.68
CA PHE A 147 -3.89 1.81 10.96
C PHE A 147 -3.95 1.22 9.55
N PHE A 148 -4.63 0.10 9.41
CA PHE A 148 -4.76 -0.57 8.12
C PHE A 148 -5.84 0.03 7.21
N GLY A 149 -6.55 1.04 7.70
CA GLY A 149 -7.53 1.73 6.88
C GLY A 149 -8.92 1.84 7.48
N GLY A 150 -9.29 0.88 8.33
CA GLY A 150 -10.60 0.90 8.95
C GLY A 150 -11.77 0.71 8.00
N ALA A 151 -11.54 -0.01 6.92
CA ALA A 151 -12.58 -0.27 5.94
C ALA A 151 -13.80 -0.87 6.62
N ALA A 152 -13.55 -1.88 7.43
CA ALA A 152 -14.60 -2.46 8.26
C ALA A 152 -14.08 -2.65 9.68
N THR A 153 -14.78 -3.46 10.46
CA THR A 153 -14.51 -3.54 11.89
C THR A 153 -14.92 -4.89 12.45
N SER A 154 -15.58 -5.67 11.59
CA SER A 154 -15.87 -7.06 11.89
C SER A 154 -15.61 -7.86 10.62
N LEU A 155 -15.55 -9.18 10.76
CA LEU A 155 -15.46 -10.07 9.61
C LEU A 155 -16.33 -11.27 9.92
N GLU A 156 -16.57 -12.10 8.90
CA GLU A 156 -17.30 -13.33 9.11
C GLU A 156 -16.41 -14.50 8.67
N THR A 157 -16.00 -15.33 9.62
CA THR A 157 -15.05 -16.39 9.33
C THR A 157 -15.70 -17.72 9.01
N ASP A 158 -14.97 -18.54 8.25
CA ASP A 158 -15.36 -19.92 8.01
C ASP A 158 -14.64 -20.82 9.01
N VAL A 159 -14.93 -22.10 8.96
CA VAL A 159 -14.26 -23.08 9.80
C VAL A 159 -13.87 -24.27 8.92
N THR A 160 -12.73 -24.87 9.20
CA THR A 160 -12.22 -25.96 8.37
C THR A 160 -12.69 -27.32 8.87
N ILE A 161 -12.79 -28.27 7.96
CA ILE A 161 -12.97 -29.67 8.32
C ILE A 161 -11.81 -30.47 7.75
N THR A 162 -11.19 -31.29 8.59
CA THR A 162 -10.01 -32.05 8.21
C THR A 162 -10.36 -33.49 7.82
N VAL A 166 -15.30 -40.00 6.76
CA VAL A 166 -16.48 -39.61 6.00
C VAL A 166 -17.72 -39.51 6.89
N THR A 167 -17.66 -40.19 8.03
CA THR A 167 -18.61 -39.93 9.10
C THR A 167 -18.06 -38.71 9.83
N ALA A 168 -16.74 -38.69 10.01
CA ALA A 168 -16.05 -37.58 10.65
C ALA A 168 -16.35 -36.24 9.99
N ALA A 169 -16.80 -36.28 8.74
CA ALA A 169 -17.17 -35.07 8.03
C ALA A 169 -18.44 -34.43 8.60
N ALA A 170 -19.55 -35.15 8.49
CA ALA A 170 -20.84 -34.66 8.96
C ALA A 170 -20.83 -34.36 10.46
N ARG A 171 -19.99 -35.05 11.21
CA ARG A 171 -19.87 -34.81 12.64
C ARG A 171 -19.38 -33.39 12.89
N ALA A 172 -18.54 -32.90 11.99
CA ALA A 172 -18.00 -31.56 12.09
C ALA A 172 -19.00 -30.54 11.57
N ALA A 173 -19.56 -30.81 10.39
CA ALA A 173 -20.53 -29.92 9.77
C ALA A 173 -21.64 -29.54 10.75
N GLN A 174 -22.03 -30.49 11.59
CA GLN A 174 -23.14 -30.30 12.52
C GLN A 174 -22.84 -29.26 13.60
N ALA A 175 -21.68 -29.38 14.23
CA ALA A 175 -21.29 -28.45 15.29
C ALA A 175 -20.98 -27.07 14.73
N ILE A 176 -20.47 -27.03 13.50
CA ILE A 176 -20.14 -25.76 12.85
C ILE A 176 -21.38 -24.87 12.69
N VAL A 177 -22.44 -25.43 12.10
CA VAL A 177 -23.67 -24.66 11.90
C VAL A 177 -24.31 -24.35 13.25
N ALA A 178 -24.12 -25.25 14.21
CA ALA A 178 -24.60 -25.02 15.56
C ALA A 178 -23.73 -23.97 16.26
N ARG A 179 -22.83 -23.36 15.50
CA ARG A 179 -22.07 -22.21 15.97
C ARG A 179 -22.53 -20.96 15.25
N GLY A 180 -23.31 -21.15 14.19
CA GLY A 180 -23.81 -20.03 13.40
C GLY A 180 -22.87 -19.65 12.28
N VAL A 181 -21.96 -20.55 11.94
CA VAL A 181 -20.99 -20.31 10.88
C VAL A 181 -21.59 -20.72 9.54
N THR A 182 -21.46 -19.83 8.55
CA THR A 182 -22.10 -20.01 7.25
C THR A 182 -21.12 -20.43 6.14
N THR A 183 -19.82 -20.34 6.41
CA THR A 183 -18.85 -20.77 5.44
C THR A 183 -18.12 -21.98 5.98
N ILE A 184 -17.88 -22.96 5.12
CA ILE A 184 -17.22 -24.18 5.53
C ILE A 184 -16.07 -24.51 4.59
N LYS A 185 -14.87 -24.65 5.17
CA LYS A 185 -13.69 -25.00 4.41
C LYS A 185 -13.42 -26.49 4.54
N ILE A 186 -13.53 -27.20 3.43
CA ILE A 186 -13.36 -28.65 3.41
C ILE A 186 -11.99 -29.02 2.88
N LYS A 187 -11.09 -29.44 3.78
CA LYS A 187 -9.78 -29.88 3.36
C LYS A 187 -9.96 -31.18 2.57
N ILE A 188 -9.10 -31.43 1.60
CA ILE A 188 -9.17 -32.67 0.82
C ILE A 188 -7.84 -33.08 0.18
N GLY A 189 -7.76 -34.34 -0.24
CA GLY A 189 -6.60 -34.84 -0.95
C GLY A 189 -5.35 -34.96 -0.10
N THR A 197 -6.42 -41.00 -7.67
CA THR A 197 -7.30 -42.09 -8.08
C THR A 197 -8.73 -41.59 -8.24
N ILE A 198 -9.40 -42.03 -9.30
CA ILE A 198 -10.83 -41.77 -9.46
C ILE A 198 -11.58 -42.24 -8.23
N ARG A 199 -11.10 -43.34 -7.64
CA ARG A 199 -11.63 -43.85 -6.39
C ARG A 199 -11.50 -42.84 -5.27
N THR A 200 -10.33 -42.24 -5.17
CA THR A 200 -10.00 -41.43 -4.01
C THR A 200 -10.69 -40.06 -4.05
N MET A 201 -11.01 -39.61 -5.25
CA MET A 201 -11.89 -38.45 -5.41
C MET A 201 -13.26 -38.85 -4.90
N GLU A 202 -13.78 -39.95 -5.45
CA GLU A 202 -15.02 -40.55 -4.96
C GLU A 202 -15.18 -40.38 -3.46
N HIS A 203 -14.15 -40.73 -2.69
CA HIS A 203 -14.25 -40.68 -1.26
C HIS A 203 -14.43 -39.26 -0.74
N ASP A 204 -13.66 -38.33 -1.27
CA ASP A 204 -13.79 -36.93 -0.88
C ASP A 204 -15.14 -36.39 -1.33
N LEU A 205 -15.62 -36.85 -2.48
CA LEU A 205 -16.94 -36.48 -2.96
C LEU A 205 -18.00 -36.90 -1.96
N ALA A 206 -17.89 -38.13 -1.48
CA ALA A 206 -18.81 -38.63 -0.47
C ALA A 206 -18.76 -37.76 0.78
N ARG A 207 -17.59 -37.17 1.04
CA ARG A 207 -17.41 -36.27 2.18
C ARG A 207 -18.18 -34.97 1.99
N ILE A 208 -17.80 -34.19 0.99
CA ILE A 208 -18.41 -32.89 0.78
C ILE A 208 -19.92 -33.01 0.51
N VAL A 209 -20.34 -34.15 -0.03
CA VAL A 209 -21.76 -34.42 -0.22
C VAL A 209 -22.42 -34.71 1.12
N ALA A 210 -21.68 -35.34 2.02
CA ALA A 210 -22.17 -35.59 3.37
C ALA A 210 -22.31 -34.27 4.13
N ILE A 211 -21.41 -33.33 3.85
CA ILE A 211 -21.42 -32.03 4.52
C ILE A 211 -22.50 -31.13 3.92
N ARG A 212 -22.73 -31.25 2.62
CA ARG A 212 -23.78 -30.49 1.95
C ARG A 212 -25.16 -30.91 2.44
N ASP A 213 -25.40 -32.22 2.51
CA ASP A 213 -26.67 -32.73 3.01
C ASP A 213 -26.96 -32.25 4.43
N VAL A 214 -25.91 -32.09 5.23
CA VAL A 214 -26.06 -31.67 6.62
C VAL A 214 -26.23 -30.15 6.75
N ALA A 215 -25.49 -29.39 5.94
CA ALA A 215 -25.60 -27.94 5.91
C ALA A 215 -25.76 -27.46 4.47
N PRO A 216 -27.00 -27.53 3.95
CA PRO A 216 -27.33 -27.34 2.54
C PRO A 216 -27.27 -25.89 2.06
N THR A 217 -27.01 -24.96 2.96
CA THR A 217 -27.02 -23.55 2.59
C THR A 217 -25.68 -22.88 2.81
N ALA A 218 -24.79 -23.56 3.53
CA ALA A 218 -23.47 -23.02 3.85
C ALA A 218 -22.59 -22.92 2.61
N ARG A 219 -21.82 -21.85 2.55
CA ARG A 219 -20.84 -21.61 1.49
C ARG A 219 -19.71 -22.61 1.64
N LEU A 220 -19.28 -23.22 0.55
CA LEU A 220 -18.27 -24.28 0.61
C LEU A 220 -16.96 -23.93 -0.08
N ILE A 221 -15.88 -23.91 0.69
CA ILE A 221 -14.54 -23.75 0.12
C ILE A 221 -13.91 -25.13 -0.02
N LEU A 222 -13.19 -25.35 -1.11
CA LEU A 222 -12.42 -26.57 -1.27
C LEU A 222 -10.94 -26.24 -1.10
N ASP A 223 -10.25 -26.97 -0.22
CA ASP A 223 -8.83 -26.73 0.01
C ASP A 223 -7.98 -27.80 -0.67
N GLY A 224 -7.87 -27.69 -1.99
CA GLY A 224 -7.12 -28.64 -2.80
C GLY A 224 -5.75 -29.00 -2.25
N ASN A 225 -5.01 -27.99 -1.82
CA ASN A 225 -3.74 -28.21 -1.16
C ASN A 225 -2.69 -28.87 -2.06
N CYS A 226 -2.46 -28.28 -3.23
CA CYS A 226 -1.53 -28.82 -4.21
C CYS A 226 -1.65 -30.34 -4.28
N GLY A 227 -2.88 -30.82 -4.47
CA GLY A 227 -3.13 -32.26 -4.43
C GLY A 227 -3.83 -32.83 -5.65
N TYR A 228 -3.78 -32.11 -6.76
CA TYR A 228 -4.45 -32.56 -7.98
C TYR A 228 -3.72 -32.05 -9.22
N THR A 229 -3.93 -32.73 -10.35
CA THR A 229 -3.55 -32.17 -11.63
C THR A 229 -4.81 -31.50 -12.13
N ALA A 230 -4.70 -30.69 -13.18
CA ALA A 230 -5.87 -29.99 -13.70
C ALA A 230 -6.98 -30.97 -14.12
N PRO A 231 -6.72 -31.83 -15.13
CA PRO A 231 -7.74 -32.80 -15.55
C PRO A 231 -8.40 -33.52 -14.38
N ASP A 232 -7.61 -33.85 -13.36
CA ASP A 232 -8.15 -34.50 -12.17
C ASP A 232 -9.16 -33.62 -11.45
N ALA A 233 -8.78 -32.37 -11.17
CA ALA A 233 -9.66 -31.43 -10.49
C ALA A 233 -10.99 -31.31 -11.21
N LEU A 234 -10.94 -30.86 -12.46
CA LEU A 234 -12.13 -30.76 -13.31
C LEU A 234 -12.98 -32.01 -13.18
N ARG A 235 -12.34 -33.17 -13.27
CA ARG A 235 -13.01 -34.44 -13.09
C ARG A 235 -13.86 -34.45 -11.81
N LEU A 236 -13.33 -33.87 -10.74
CA LEU A 236 -14.04 -33.81 -9.47
C LEU A 236 -15.20 -32.79 -9.53
N LEU A 237 -14.95 -31.65 -10.16
CA LEU A 237 -16.01 -30.67 -10.37
C LEU A 237 -17.17 -31.29 -11.13
N ASP A 238 -16.86 -32.00 -12.22
CA ASP A 238 -17.87 -32.71 -12.98
C ASP A 238 -18.68 -33.63 -12.07
N MET A 239 -17.98 -34.51 -11.35
CA MET A 239 -18.65 -35.45 -10.47
C MET A 239 -19.19 -34.75 -9.23
N LEU A 240 -19.14 -33.43 -9.24
CA LEU A 240 -19.66 -32.65 -8.13
C LEU A 240 -20.94 -31.96 -8.59
N GLY A 241 -20.91 -31.50 -9.85
CA GLY A 241 -22.05 -30.86 -10.49
C GLY A 241 -23.10 -31.86 -10.95
N VAL A 242 -22.97 -33.09 -10.48
CA VAL A 242 -23.99 -34.10 -10.70
C VAL A 242 -24.98 -34.03 -9.55
N HIS A 243 -24.45 -33.91 -8.33
CA HIS A 243 -25.26 -33.75 -7.13
C HIS A 243 -25.68 -32.29 -6.97
N GLY A 244 -25.47 -31.50 -8.02
CA GLY A 244 -25.76 -30.07 -7.97
C GLY A 244 -25.01 -29.36 -6.86
N ILE A 245 -23.70 -29.61 -6.78
CA ILE A 245 -22.84 -28.90 -5.84
C ILE A 245 -21.78 -28.09 -6.57
N VAL A 246 -21.82 -26.78 -6.40
CA VAL A 246 -20.76 -25.91 -6.88
C VAL A 246 -20.17 -25.16 -5.69
N PRO A 247 -18.87 -25.36 -5.44
CA PRO A 247 -18.21 -24.75 -4.27
C PRO A 247 -18.00 -23.25 -4.48
N ALA A 248 -17.92 -22.50 -3.39
CA ALA A 248 -17.68 -21.07 -3.47
C ALA A 248 -16.31 -20.79 -4.06
N LEU A 249 -15.35 -21.66 -3.77
CA LEU A 249 -13.96 -21.41 -4.13
C LEU A 249 -13.22 -22.73 -4.18
N PHE A 250 -12.30 -22.86 -5.13
CA PHE A 250 -11.39 -23.99 -5.11
C PHE A 250 -9.98 -23.50 -4.78
N GLU A 251 -9.54 -23.79 -3.56
CA GLU A 251 -8.28 -23.27 -3.06
C GLU A 251 -7.09 -24.16 -3.42
N GLN A 252 -6.16 -23.62 -4.20
CA GLN A 252 -4.94 -24.33 -4.56
C GLN A 252 -5.18 -25.79 -4.89
N PRO A 253 -5.74 -26.07 -6.08
CA PRO A 253 -6.03 -27.44 -6.50
C PRO A 253 -4.76 -28.15 -6.97
N VAL A 254 -3.91 -27.44 -7.69
CA VAL A 254 -2.70 -28.01 -8.27
C VAL A 254 -1.44 -27.74 -7.44
N ALA A 255 -0.32 -28.28 -7.91
CA ALA A 255 0.95 -28.15 -7.21
C ALA A 255 1.52 -26.74 -7.28
N LYS A 256 2.27 -26.37 -6.26
CA LYS A 256 2.87 -25.05 -6.14
C LYS A 256 3.50 -24.56 -7.44
N ASP A 257 3.94 -25.49 -8.28
CA ASP A 257 4.70 -25.14 -9.48
C ASP A 257 3.90 -25.13 -10.79
N ASP A 258 2.70 -25.69 -10.77
CA ASP A 258 1.88 -25.75 -11.98
C ASP A 258 0.95 -24.53 -12.15
N GLU A 259 1.53 -23.38 -12.43
CA GLU A 259 0.76 -22.16 -12.60
C GLU A 259 0.10 -22.11 -13.97
N GLU A 260 0.27 -23.19 -14.74
CA GLU A 260 -0.43 -23.34 -16.00
C GLU A 260 -1.62 -24.25 -15.75
N GLY A 261 -1.54 -25.01 -14.66
CA GLY A 261 -2.67 -25.80 -14.19
C GLY A 261 -3.71 -24.89 -13.58
N LEU A 262 -3.31 -24.16 -12.54
CA LEU A 262 -4.14 -23.10 -11.98
C LEU A 262 -4.78 -22.30 -13.11
N ARG A 263 -3.98 -22.03 -14.13
CA ARG A 263 -4.39 -21.18 -15.24
C ARG A 263 -5.56 -21.74 -16.05
N ARG A 264 -5.42 -22.98 -16.50
CA ARG A 264 -6.45 -23.58 -17.34
C ARG A 264 -7.74 -23.81 -16.54
N LEU A 265 -7.60 -24.22 -15.29
CA LEU A 265 -8.72 -24.29 -14.36
C LEU A 265 -9.45 -22.94 -14.25
N THR A 266 -8.68 -21.87 -14.33
CA THR A 266 -9.24 -20.53 -14.15
C THR A 266 -9.89 -20.00 -15.42
N ALA A 267 -9.39 -20.42 -16.58
CA ALA A 267 -10.00 -20.07 -17.85
C ALA A 267 -11.31 -20.84 -18.02
N THR A 268 -11.37 -21.99 -17.35
CA THR A 268 -12.59 -22.78 -17.26
C THR A 268 -13.76 -21.90 -16.85
N ARG A 269 -13.46 -20.88 -16.05
CA ARG A 269 -14.45 -19.95 -15.53
C ARG A 269 -15.62 -20.63 -14.83
N ARG A 270 -15.45 -21.91 -14.54
CA ARG A 270 -16.44 -22.66 -13.78
C ARG A 270 -16.45 -22.12 -12.36
N VAL A 271 -15.70 -22.79 -11.49
CA VAL A 271 -15.49 -22.37 -10.11
C VAL A 271 -14.33 -21.36 -10.02
N PRO A 272 -14.35 -20.49 -8.99
CA PRO A 272 -13.24 -19.55 -8.73
C PRO A 272 -12.04 -20.24 -8.08
N VAL A 273 -10.85 -19.97 -8.58
CA VAL A 273 -9.64 -20.64 -8.10
C VAL A 273 -8.75 -19.69 -7.31
N ALA A 274 -8.31 -20.13 -6.14
CA ALA A 274 -7.43 -19.32 -5.31
C ALA A 274 -6.01 -19.90 -5.26
N ALA A 275 -5.02 -19.00 -5.32
CA ALA A 275 -3.63 -19.39 -5.11
C ALA A 275 -3.32 -19.33 -3.63
N ASP A 276 -2.69 -20.38 -3.11
CA ASP A 276 -2.26 -20.37 -1.72
C ASP A 276 -0.74 -20.50 -1.62
N GLU A 277 -0.23 -21.72 -1.79
CA GLU A 277 1.20 -21.95 -1.74
C GLU A 277 1.89 -21.30 -2.93
N SER A 278 1.14 -21.15 -4.02
CA SER A 278 1.69 -20.58 -5.25
C SER A 278 1.99 -19.09 -5.12
N VAL A 279 1.41 -18.44 -4.12
CA VAL A 279 1.58 -17.01 -3.94
C VAL A 279 2.24 -16.69 -2.60
N ALA A 280 3.46 -16.15 -2.65
CA ALA A 280 4.26 -15.95 -1.45
C ALA A 280 4.76 -14.51 -1.33
N SER A 281 5.03 -13.89 -2.47
CA SER A 281 5.55 -12.53 -2.48
C SER A 281 4.69 -11.62 -3.33
N ALA A 282 4.98 -10.32 -3.30
CA ALA A 282 4.35 -9.37 -4.20
C ALA A 282 4.58 -9.77 -5.65
N THR A 283 5.74 -10.39 -5.90
CA THR A 283 6.12 -10.80 -7.25
C THR A 283 5.35 -12.03 -7.75
N ASP A 284 5.15 -13.01 -6.88
CA ASP A 284 4.31 -14.16 -7.21
C ASP A 284 2.92 -13.64 -7.56
N ALA A 285 2.39 -12.78 -6.71
CA ALA A 285 1.07 -12.19 -6.90
C ALA A 285 0.93 -11.48 -8.23
N ALA A 286 1.97 -10.72 -8.61
CA ALA A 286 1.94 -9.97 -9.87
C ALA A 286 2.04 -10.88 -11.08
N ARG A 287 2.86 -11.93 -11.00
CA ARG A 287 2.95 -12.90 -12.08
C ARG A 287 1.61 -13.62 -12.24
N LEU A 288 1.15 -14.23 -11.15
CA LEU A 288 -0.15 -14.88 -11.12
C LEU A 288 -1.24 -14.05 -11.81
N ALA A 289 -1.22 -12.73 -11.56
CA ALA A 289 -2.25 -11.85 -12.09
C ALA A 289 -2.05 -11.54 -13.56
N ARG A 290 -0.78 -11.43 -13.97
CA ARG A 290 -0.43 -11.16 -15.36
C ARG A 290 -0.94 -12.30 -16.24
N ASN A 291 -0.68 -13.52 -15.79
CA ASN A 291 -1.04 -14.71 -16.55
C ASN A 291 -2.47 -15.17 -16.26
N ALA A 292 -3.23 -14.33 -15.56
CA ALA A 292 -4.59 -14.67 -15.15
C ALA A 292 -4.67 -16.11 -14.66
N ALA A 293 -3.78 -16.48 -13.75
CA ALA A 293 -3.67 -17.84 -13.28
C ALA A 293 -4.74 -18.21 -12.27
N VAL A 294 -5.24 -17.21 -11.54
CA VAL A 294 -6.23 -17.45 -10.50
C VAL A 294 -7.21 -16.29 -10.36
N ASP A 295 -8.25 -16.51 -9.56
CA ASP A 295 -9.26 -15.49 -9.29
C ASP A 295 -9.06 -14.89 -7.90
N VAL A 296 -8.54 -15.69 -6.99
CA VAL A 296 -8.37 -15.26 -5.61
C VAL A 296 -6.95 -15.54 -5.09
N LEU A 297 -6.40 -14.56 -4.36
CA LEU A 297 -5.11 -14.70 -3.71
C LEU A 297 -5.32 -14.88 -2.22
N ASN A 298 -4.69 -15.90 -1.63
CA ASN A 298 -4.78 -16.10 -0.18
C ASN A 298 -3.55 -15.54 0.55
N ILE A 299 -3.76 -14.44 1.25
CA ILE A 299 -2.72 -13.82 2.05
C ILE A 299 -2.58 -14.50 3.41
N LYS A 300 -1.34 -14.82 3.77
CA LYS A 300 -0.99 -15.21 5.14
C LYS A 300 0.16 -14.35 5.62
N LEU A 301 -0.09 -13.52 6.62
CA LEU A 301 0.94 -12.61 7.10
C LEU A 301 2.17 -13.40 7.56
N MET A 302 1.93 -14.56 8.15
CA MET A 302 2.99 -15.39 8.69
C MET A 302 4.00 -15.85 7.64
N LYS A 303 3.64 -15.73 6.37
CA LYS A 303 4.51 -16.17 5.28
C LYS A 303 5.64 -15.19 4.94
N CYS A 304 5.32 -13.92 4.78
CA CYS A 304 6.32 -12.93 4.37
C CYS A 304 6.25 -11.63 5.15
N GLY A 305 5.39 -11.57 6.15
CA GLY A 305 5.26 -10.38 6.97
C GLY A 305 4.19 -9.44 6.44
N ILE A 306 4.06 -8.28 7.09
CA ILE A 306 2.98 -7.34 6.82
C ILE A 306 3.25 -6.39 5.64
N VAL A 307 4.42 -5.79 5.61
CA VAL A 307 4.78 -4.91 4.50
C VAL A 307 4.63 -5.62 3.16
N GLU A 308 5.16 -6.85 3.09
CA GLU A 308 5.07 -7.64 1.87
C GLU A 308 3.60 -7.94 1.57
N ALA A 309 2.82 -8.19 2.61
CA ALA A 309 1.39 -8.48 2.44
C ALA A 309 0.58 -7.29 1.92
N LEU A 310 0.89 -6.08 2.37
CA LEU A 310 0.20 -4.89 1.88
C LEU A 310 0.34 -4.78 0.36
N ASP A 311 1.57 -4.93 -0.14
CA ASP A 311 1.83 -4.88 -1.57
C ASP A 311 1.05 -5.96 -2.33
N ILE A 312 0.89 -7.13 -1.73
CA ILE A 312 0.12 -8.19 -2.36
C ILE A 312 -1.35 -7.79 -2.51
N ALA A 313 -1.95 -7.35 -1.41
CA ALA A 313 -3.31 -6.84 -1.44
C ALA A 313 -3.46 -5.80 -2.55
N ALA A 314 -2.58 -4.81 -2.56
CA ALA A 314 -2.59 -3.78 -3.59
C ALA A 314 -2.53 -4.32 -5.01
N ILE A 315 -1.68 -5.32 -5.25
CA ILE A 315 -1.55 -5.87 -6.59
C ILE A 315 -2.81 -6.64 -7.01
N ALA A 316 -3.42 -7.32 -6.05
CA ALA A 316 -4.65 -8.07 -6.31
C ALA A 316 -5.78 -7.09 -6.64
N ARG A 317 -5.79 -5.98 -5.91
CA ARG A 317 -6.85 -5.01 -6.02
C ARG A 317 -6.87 -4.36 -7.40
N THR A 318 -5.70 -3.99 -7.88
CA THR A 318 -5.59 -3.29 -9.15
C THR A 318 -5.85 -4.25 -10.31
N ALA A 319 -5.69 -5.54 -10.05
CA ALA A 319 -5.87 -6.54 -11.08
C ALA A 319 -7.28 -7.11 -11.01
N GLY A 320 -7.99 -6.75 -9.95
CA GLY A 320 -9.35 -7.20 -9.74
C GLY A 320 -9.44 -8.63 -9.21
N LEU A 321 -8.32 -9.15 -8.73
CA LEU A 321 -8.34 -10.45 -8.06
C LEU A 321 -8.99 -10.29 -6.69
N HIS A 322 -9.69 -11.32 -6.24
CA HIS A 322 -10.32 -11.29 -4.93
C HIS A 322 -9.35 -11.83 -3.91
N LEU A 323 -9.63 -11.59 -2.63
CA LEU A 323 -8.69 -11.96 -1.57
C LEU A 323 -9.28 -12.87 -0.51
N MET A 324 -8.46 -13.78 -0.02
CA MET A 324 -8.78 -14.55 1.18
C MET A 324 -7.68 -14.28 2.18
N ILE A 325 -8.03 -14.26 3.46
CA ILE A 325 -7.04 -14.08 4.51
C ILE A 325 -6.98 -15.35 5.31
N GLY A 326 -5.78 -15.85 5.55
CA GLY A 326 -5.61 -17.07 6.31
C GLY A 326 -4.48 -16.98 7.31
N GLY A 327 -4.03 -18.14 7.77
CA GLY A 327 -2.91 -18.20 8.67
C GLY A 327 -2.37 -19.61 8.76
N MET A 328 -1.34 -19.80 9.58
CA MET A 328 -0.84 -21.13 9.85
C MET A 328 -1.61 -21.61 11.07
N VAL A 329 -0.90 -22.24 11.99
CA VAL A 329 -1.50 -22.61 13.27
C VAL A 329 -1.18 -21.50 14.27
N GLU A 330 -1.93 -20.41 14.19
CA GLU A 330 -1.68 -19.22 14.99
C GLU A 330 -2.57 -19.18 16.22
N SER A 331 -2.16 -18.39 17.21
CA SER A 331 -3.00 -18.19 18.38
C SER A 331 -3.82 -16.93 18.19
N LEU A 332 -4.53 -16.54 19.24
CA LEU A 332 -5.34 -15.33 19.19
C LEU A 332 -4.53 -14.15 18.68
N LEU A 333 -3.25 -14.09 19.01
CA LEU A 333 -2.46 -12.91 18.67
C LEU A 333 -2.28 -12.73 17.16
N ALA A 334 -1.78 -13.76 16.48
CA ALA A 334 -1.56 -13.62 15.04
C ALA A 334 -2.89 -13.57 14.30
N MET A 335 -3.91 -14.22 14.86
CA MET A 335 -5.22 -14.26 14.24
C MET A 335 -5.92 -12.90 14.35
N THR A 336 -5.62 -12.16 15.40
CA THR A 336 -6.19 -10.82 15.55
C THR A 336 -5.52 -9.84 14.59
N VAL A 337 -4.20 -9.91 14.47
CA VAL A 337 -3.52 -9.05 13.51
C VAL A 337 -4.09 -9.34 12.13
N SER A 338 -4.28 -10.62 11.84
CA SER A 338 -4.79 -11.06 10.54
C SER A 338 -6.17 -10.46 10.26
N ALA A 339 -7.01 -10.41 11.28
CA ALA A 339 -8.33 -9.80 11.15
C ALA A 339 -8.21 -8.29 10.98
N CYS A 340 -7.42 -7.66 11.85
CA CYS A 340 -7.17 -6.23 11.75
C CYS A 340 -6.66 -5.84 10.37
N PHE A 341 -5.95 -6.76 9.72
CA PHE A 341 -5.44 -6.50 8.39
C PHE A 341 -6.56 -6.53 7.36
N ALA A 342 -7.35 -7.61 7.39
CA ALA A 342 -8.44 -7.78 6.44
C ALA A 342 -9.55 -6.75 6.64
N ALA A 343 -10.05 -6.64 7.86
CA ALA A 343 -11.09 -5.67 8.17
C ALA A 343 -10.62 -4.27 7.84
N GLY A 344 -9.34 -4.00 8.08
CA GLY A 344 -8.79 -2.68 7.84
C GLY A 344 -8.72 -2.32 6.37
N GLN A 345 -8.15 -3.23 5.57
CA GLN A 345 -8.02 -3.00 4.14
C GLN A 345 -9.37 -3.16 3.45
N GLY A 346 -10.25 -3.93 4.08
CA GLY A 346 -11.53 -4.29 3.50
C GLY A 346 -11.33 -5.01 2.18
N GLY A 347 -12.40 -5.57 1.64
CA GLY A 347 -12.34 -6.20 0.34
C GLY A 347 -11.84 -7.63 0.37
N PHE A 348 -12.14 -8.32 1.46
CA PHE A 348 -11.78 -9.72 1.60
C PHE A 348 -13.02 -10.60 1.51
N ARG A 349 -13.18 -11.28 0.37
CA ARG A 349 -14.33 -12.13 0.15
C ARG A 349 -14.33 -13.40 1.03
N PHE A 350 -13.14 -13.93 1.30
CA PHE A 350 -13.03 -15.16 2.09
C PHE A 350 -12.19 -14.95 3.33
N VAL A 351 -12.73 -15.38 4.47
CA VAL A 351 -12.04 -15.21 5.74
C VAL A 351 -11.83 -16.54 6.42
N ASP A 352 -10.58 -16.99 6.45
CA ASP A 352 -10.21 -18.27 7.03
C ASP A 352 -9.40 -18.09 8.30
N LEU A 353 -10.06 -17.67 9.37
CA LEU A 353 -9.39 -17.36 10.62
C LEU A 353 -10.01 -18.13 11.78
N ASP A 354 -9.80 -19.44 11.81
CA ASP A 354 -10.46 -20.28 12.79
C ASP A 354 -9.56 -20.96 13.82
N THR A 355 -8.24 -20.94 13.62
CA THR A 355 -7.32 -21.74 14.43
C THR A 355 -7.40 -21.57 15.96
N PRO A 356 -7.78 -20.38 16.46
CA PRO A 356 -7.86 -20.27 17.92
C PRO A 356 -9.03 -21.06 18.52
N LEU A 357 -9.79 -21.73 17.67
CA LEU A 357 -10.91 -22.56 18.12
C LEU A 357 -10.44 -23.98 18.45
N PHE A 358 -9.47 -24.46 17.67
CA PHE A 358 -8.92 -25.80 17.86
C PHE A 358 -7.80 -25.75 18.90
N LEU A 359 -7.96 -24.90 19.90
CA LEU A 359 -6.90 -24.60 20.83
C LEU A 359 -7.37 -24.83 22.26
N ALA A 360 -6.57 -25.55 23.05
CA ALA A 360 -6.97 -25.97 24.39
C ALA A 360 -6.70 -24.92 25.47
N GLU A 361 -5.93 -23.89 25.13
CA GLU A 361 -5.60 -22.84 26.09
C GLU A 361 -5.33 -21.51 25.41
N ASN A 362 -5.56 -20.41 26.12
CA ASN A 362 -5.26 -19.07 25.61
C ASN A 362 -4.47 -18.24 26.62
N PRO A 363 -3.19 -17.98 26.32
CA PRO A 363 -2.25 -17.32 27.24
C PRO A 363 -2.43 -15.81 27.22
N PHE A 364 -3.46 -15.33 26.54
CA PHE A 364 -3.55 -13.91 26.21
C PHE A 364 -4.78 -13.19 26.74
N ASP A 365 -4.67 -11.86 26.78
CA ASP A 365 -5.76 -10.97 27.16
C ASP A 365 -6.18 -10.11 25.96
N GLY A 366 -7.48 -9.90 25.82
CA GLY A 366 -8.01 -9.01 24.81
C GLY A 366 -8.00 -9.54 23.39
N GLY A 367 -8.00 -8.63 22.43
CA GLY A 367 -8.01 -9.01 21.02
C GLY A 367 -9.41 -9.18 20.48
N MET A 368 -9.51 -9.85 19.32
CA MET A 368 -10.80 -10.07 18.67
C MET A 368 -11.65 -11.01 19.49
N THR A 369 -12.96 -10.93 19.30
CA THR A 369 -13.90 -11.81 19.98
C THR A 369 -14.75 -12.51 18.93
N TYR A 370 -15.13 -13.75 19.20
CA TYR A 370 -16.00 -14.49 18.30
C TYR A 370 -17.45 -14.45 18.76
N HIS A 371 -18.37 -14.41 17.79
CA HIS A 371 -19.78 -14.60 18.08
C HIS A 371 -20.35 -15.52 17.02
N GLY A 372 -20.13 -16.81 17.20
CA GLY A 372 -20.38 -17.76 16.15
C GLY A 372 -19.28 -17.60 15.12
N GLY A 373 -19.67 -17.29 13.89
CA GLY A 373 -18.71 -17.12 12.82
C GLY A 373 -18.29 -15.68 12.64
N THR A 374 -18.79 -14.79 13.48
CA THR A 374 -18.49 -13.36 13.32
C THR A 374 -17.44 -12.85 14.30
N ILE A 375 -16.42 -12.25 13.73
CA ILE A 375 -15.30 -11.68 14.46
C ILE A 375 -15.50 -10.18 14.62
N ASP A 376 -15.49 -9.72 15.86
CA ASP A 376 -15.64 -8.30 16.15
C ASP A 376 -14.31 -7.70 16.61
N LEU A 377 -13.88 -6.63 15.95
CA LEU A 377 -12.65 -5.93 16.33
C LEU A 377 -12.99 -4.65 17.08
N THR A 378 -14.29 -4.42 17.26
CA THR A 378 -14.84 -3.13 17.70
C THR A 378 -14.27 -2.63 19.03
N LEU A 379 -13.73 -3.55 19.80
CA LEU A 379 -13.41 -3.28 21.20
C LEU A 379 -11.89 -3.22 21.45
N ILE A 380 -11.14 -3.13 20.35
CA ILE A 380 -9.68 -3.01 20.36
C ILE A 380 -9.27 -1.55 20.21
N GLU A 381 -8.76 -0.95 21.30
CA GLU A 381 -8.50 0.50 21.31
C GLU A 381 -7.09 0.95 20.91
N ALA A 382 -6.09 0.11 21.17
CA ALA A 382 -4.70 0.47 20.86
C ALA A 382 -3.89 -0.74 20.43
N GLY A 383 -3.07 -0.55 19.39
CA GLY A 383 -2.40 -1.67 18.76
C GLY A 383 -3.43 -2.74 18.45
N HIS A 384 -3.00 -3.99 18.34
CA HIS A 384 -3.95 -5.08 18.11
C HIS A 384 -4.67 -5.45 19.40
N GLY A 385 -4.29 -4.79 20.50
CA GLY A 385 -4.96 -4.97 21.77
C GLY A 385 -4.76 -6.32 22.44
N VAL A 386 -3.75 -7.05 21.99
CA VAL A 386 -3.43 -8.36 22.58
C VAL A 386 -2.21 -8.29 23.50
N THR A 387 -2.32 -8.92 24.68
CA THR A 387 -1.28 -8.89 25.70
C THR A 387 -1.21 -10.20 26.47
N PRO A 388 -0.04 -10.48 27.07
CA PRO A 388 0.15 -11.73 27.82
C PRO A 388 -0.67 -11.78 29.10
N ARG A 389 -1.14 -12.98 29.44
CA ARG A 389 -2.01 -13.19 30.59
C ARG A 389 -1.23 -13.16 31.90
N MET B 23 -24.05 8.75 23.04
CA MET B 23 -22.68 9.21 23.30
C MET B 23 -21.84 9.43 22.05
N THR B 24 -21.13 10.54 22.02
CA THR B 24 -20.44 11.00 20.81
C THR B 24 -18.98 10.56 20.81
N ALA B 25 -18.60 9.78 19.80
CA ALA B 25 -17.23 9.29 19.69
C ALA B 25 -16.27 10.40 19.25
N PRO B 26 -15.16 10.58 19.98
CA PRO B 26 -14.19 11.67 19.77
C PRO B 26 -13.62 11.70 18.35
N THR B 27 -13.66 10.57 17.66
CA THR B 27 -13.04 10.44 16.35
C THR B 27 -14.04 10.74 15.23
N THR B 28 -15.30 10.95 15.62
CA THR B 28 -16.32 11.28 14.63
C THR B 28 -16.05 12.63 14.01
N ILE B 29 -16.22 12.72 12.70
CA ILE B 29 -15.99 13.97 11.98
C ILE B 29 -17.23 14.84 12.10
N ARG B 30 -17.08 16.02 12.69
CA ARG B 30 -18.19 16.94 12.89
CA ARG B 30 -18.18 16.95 12.89
C ARG B 30 -18.38 17.91 11.72
N ALA B 31 -17.27 18.40 11.17
CA ALA B 31 -17.35 19.41 10.11
C ALA B 31 -16.33 19.23 9.01
N LEU B 32 -16.79 19.39 7.78
CA LEU B 32 -15.91 19.47 6.63
C LEU B 32 -16.10 20.85 6.01
N THR B 33 -15.11 21.72 6.15
CA THR B 33 -15.21 23.06 5.62
C THR B 33 -14.12 23.34 4.61
N VAL B 34 -14.28 24.42 3.86
CA VAL B 34 -13.34 24.76 2.80
C VAL B 34 -13.36 26.25 2.49
N ALA B 35 -12.18 26.83 2.29
CA ALA B 35 -12.08 28.24 1.94
C ALA B 35 -11.11 28.35 0.78
N PRO B 36 -11.14 29.49 0.07
CA PRO B 36 -10.11 29.62 -0.97
C PRO B 36 -8.73 29.76 -0.34
N LEU B 37 -7.73 29.51 -1.16
CA LEU B 37 -6.35 29.58 -0.77
C LEU B 37 -5.63 30.07 -2.01
N ASP B 38 -5.76 31.35 -2.28
CA ASP B 38 -5.12 31.92 -3.44
C ASP B 38 -3.78 32.47 -3.02
N ILE B 39 -2.72 31.87 -3.54
CA ILE B 39 -1.35 32.22 -3.17
C ILE B 39 -0.66 32.89 -4.35
N PRO B 40 -0.22 34.13 -4.15
CA PRO B 40 0.44 34.93 -5.20
C PRO B 40 1.76 34.31 -5.65
N LEU B 41 2.08 34.48 -6.93
CA LEU B 41 3.33 33.99 -7.49
C LEU B 41 4.29 35.14 -7.81
N HIS B 42 5.50 34.78 -8.23
CA HIS B 42 6.57 35.71 -8.58
C HIS B 42 7.80 35.48 -7.70
N VAL B 54 -1.18 34.30 -9.51
CA VAL B 54 -1.90 33.66 -8.40
C VAL B 54 -2.26 32.18 -8.64
N ALA B 55 -2.15 31.37 -7.58
CA ALA B 55 -2.57 29.97 -7.64
C ALA B 55 -3.89 29.81 -6.92
N ARG B 56 -4.91 29.39 -7.66
CA ARG B 56 -6.26 29.30 -7.11
C ARG B 56 -6.47 27.97 -6.39
N ASN B 57 -6.08 27.92 -5.13
CA ASN B 57 -6.17 26.68 -4.37
C ASN B 57 -7.25 26.71 -3.30
N LEU B 58 -7.59 25.54 -2.77
CA LEU B 58 -8.54 25.43 -1.69
C LEU B 58 -7.85 24.93 -0.41
N LEU B 59 -8.28 25.44 0.74
CA LEU B 59 -7.86 24.84 2.00
C LEU B 59 -9.02 24.09 2.64
N VAL B 60 -8.89 22.78 2.75
CA VAL B 60 -9.91 21.93 3.35
C VAL B 60 -9.62 21.67 4.83
N ALA B 61 -10.66 21.66 5.66
CA ALA B 61 -10.48 21.37 7.07
C ALA B 61 -11.55 20.41 7.56
N VAL B 62 -11.12 19.38 8.29
CA VAL B 62 -12.05 18.52 9.00
C VAL B 62 -11.84 18.73 10.49
N GLU B 63 -12.92 18.67 11.26
CA GLU B 63 -12.81 18.74 12.70
C GLU B 63 -13.51 17.55 13.33
N LEU B 64 -12.87 16.96 14.34
CA LEU B 64 -13.45 15.81 15.01
C LEU B 64 -14.29 16.31 16.17
N THR B 65 -15.24 15.50 16.62
CA THR B 65 -16.13 15.95 17.70
C THR B 65 -15.34 16.27 18.97
N ASP B 66 -14.09 15.83 19.00
CA ASP B 66 -13.25 16.08 20.18
C ASP B 66 -12.37 17.32 20.04
N GLY B 67 -12.41 17.96 18.88
CA GLY B 67 -11.73 19.23 18.72
C GLY B 67 -10.54 19.24 17.77
N THR B 68 -10.01 18.06 17.44
CA THR B 68 -8.79 18.03 16.64
C THR B 68 -9.11 18.40 15.21
N ARG B 69 -8.16 19.06 14.55
CA ARG B 69 -8.35 19.48 13.17
C ARG B 69 -7.30 18.90 12.27
N GLY B 70 -7.72 18.36 11.14
CA GLY B 70 -6.79 18.01 10.08
C GLY B 70 -7.00 18.97 8.93
N TYR B 71 -5.94 19.31 8.22
CA TYR B 71 -6.06 20.13 7.02
C TYR B 71 -5.60 19.35 5.81
N GLY B 72 -5.93 19.86 4.64
CA GLY B 72 -5.51 19.27 3.38
C GLY B 72 -5.66 20.38 2.37
N GLU B 73 -5.06 20.21 1.20
CA GLU B 73 -5.07 21.28 0.22
C GLU B 73 -5.39 20.76 -1.17
N ALA B 74 -6.31 21.44 -1.85
CA ALA B 74 -6.59 21.18 -3.25
C ALA B 74 -5.80 22.17 -4.09
N ALA B 75 -5.01 21.65 -5.02
CA ALA B 75 -4.28 22.50 -5.95
C ALA B 75 -4.59 22.12 -7.38
N PRO B 76 -5.85 22.33 -7.80
CA PRO B 76 -6.25 22.00 -9.17
C PRO B 76 -5.49 22.86 -10.15
N PHE B 77 -5.08 22.28 -11.26
CA PHE B 77 -4.32 22.97 -12.28
C PHE B 77 -5.03 22.74 -13.61
N PRO B 78 -5.94 23.65 -13.99
CA PRO B 78 -6.81 23.42 -15.14
C PRO B 78 -6.02 22.97 -16.36
N ALA B 79 -4.88 23.61 -16.60
CA ALA B 79 -4.06 23.29 -17.77
C ALA B 79 -3.59 21.84 -17.79
N PHE B 80 -3.59 21.20 -16.62
CA PHE B 80 -3.03 19.85 -16.49
C PHE B 80 -4.05 18.74 -16.77
N ASN B 81 -5.32 19.02 -16.52
CA ASN B 81 -6.33 17.97 -16.61
C ASN B 81 -7.75 18.51 -16.74
N GLY B 82 -7.88 19.83 -16.74
CA GLY B 82 -9.17 20.46 -16.93
C GLY B 82 -9.90 20.86 -15.66
N GLU B 83 -9.51 20.27 -14.53
CA GLU B 83 -10.20 20.58 -13.27
C GLU B 83 -9.82 21.95 -12.72
N THR B 84 -10.79 22.60 -12.06
CA THR B 84 -10.61 23.96 -11.60
C THR B 84 -10.91 24.10 -10.11
N GLN B 85 -10.75 25.32 -9.60
CA GLN B 85 -11.01 25.60 -8.20
C GLN B 85 -12.49 25.45 -7.85
N ASP B 86 -13.36 26.00 -8.70
CA ASP B 86 -14.80 25.91 -8.49
C ASP B 86 -15.29 24.47 -8.58
N MET B 87 -14.66 23.71 -9.47
CA MET B 87 -15.03 22.32 -9.68
C MET B 87 -14.61 21.45 -8.49
N ALA B 88 -13.43 21.72 -7.95
CA ALA B 88 -12.92 21.02 -6.77
C ALA B 88 -13.60 21.54 -5.49
N HIS B 89 -14.01 22.81 -5.52
CA HIS B 89 -14.78 23.39 -4.43
C HIS B 89 -16.15 22.72 -4.39
N ALA B 90 -16.71 22.48 -5.57
CA ALA B 90 -18.01 21.85 -5.67
C ALA B 90 -17.95 20.41 -5.11
N ALA B 91 -16.86 19.71 -5.44
CA ALA B 91 -16.69 18.31 -5.04
C ALA B 91 -16.62 18.16 -3.53
N ILE B 92 -15.86 19.03 -2.89
CA ILE B 92 -15.70 18.99 -1.44
C ILE B 92 -17.04 19.18 -0.73
N LEU B 93 -17.83 20.16 -1.19
CA LEU B 93 -19.18 20.33 -0.67
C LEU B 93 -20.03 19.11 -0.93
N ALA B 94 -19.83 18.49 -2.09
CA ALA B 94 -20.60 17.32 -2.48
C ALA B 94 -20.31 16.16 -1.54
N ALA B 95 -19.12 16.19 -0.93
CA ALA B 95 -18.64 15.06 -0.13
C ALA B 95 -18.94 15.17 1.36
N ARG B 96 -19.46 16.32 1.79
CA ARG B 96 -19.89 16.47 3.17
C ARG B 96 -20.85 15.35 3.54
N SER B 97 -21.62 14.89 2.55
CA SER B 97 -22.66 13.89 2.78
C SER B 97 -22.11 12.61 3.40
N LEU B 98 -20.93 12.19 2.94
CA LEU B 98 -20.35 10.95 3.44
C LEU B 98 -19.18 11.15 4.41
N VAL B 99 -18.55 12.33 4.38
CA VAL B 99 -17.46 12.62 5.30
C VAL B 99 -17.94 13.02 6.69
N GLU B 100 -18.85 13.98 6.77
CA GLU B 100 -19.41 14.36 8.06
C GLU B 100 -20.25 13.24 8.65
N GLY B 101 -20.00 12.91 9.92
CA GLY B 101 -20.65 11.79 10.58
C GLY B 101 -19.78 10.54 10.56
N ALA B 102 -18.84 10.49 9.63
CA ALA B 102 -17.93 9.36 9.52
C ALA B 102 -16.89 9.35 10.64
N ASP B 103 -16.19 8.24 10.79
CA ASP B 103 -15.11 8.14 11.76
C ASP B 103 -13.78 8.34 11.05
N VAL B 104 -12.92 9.17 11.63
CA VAL B 104 -11.61 9.41 11.04
C VAL B 104 -10.77 8.12 10.99
N ARG B 105 -11.09 7.18 11.88
CA ARG B 105 -10.40 5.90 11.95
C ARG B 105 -10.68 5.01 10.74
N GLU B 106 -11.65 5.43 9.93
CA GLU B 106 -12.07 4.65 8.78
C GLU B 106 -11.67 5.31 7.48
N TRP B 107 -10.49 5.95 7.48
CA TRP B 107 -10.05 6.76 6.35
C TRP B 107 -10.07 6.01 5.02
N ARG B 108 -10.05 4.70 5.08
CA ARG B 108 -9.95 3.91 3.86
C ARG B 108 -11.30 3.65 3.20
N ARG B 109 -12.36 3.50 3.99
CA ARG B 109 -13.68 3.29 3.40
C ARG B 109 -14.25 4.62 2.89
N ILE B 110 -13.86 5.71 3.54
CA ILE B 110 -14.19 7.03 3.06
C ILE B 110 -13.49 7.33 1.74
N ALA B 111 -12.17 7.15 1.72
CA ALA B 111 -11.40 7.36 0.50
C ALA B 111 -12.01 6.63 -0.68
N LEU B 112 -12.43 5.38 -0.43
CA LEU B 112 -12.99 4.54 -1.48
C LEU B 112 -14.41 4.96 -1.86
N ALA B 113 -15.05 5.76 -1.01
CA ALA B 113 -16.42 6.20 -1.26
C ALA B 113 -16.47 7.47 -2.11
N LEU B 114 -15.41 8.26 -2.05
CA LEU B 114 -15.39 9.56 -2.72
C LEU B 114 -15.60 9.52 -4.24
N PRO B 115 -14.83 8.67 -4.95
CA PRO B 115 -14.89 8.66 -6.40
C PRO B 115 -16.32 8.56 -6.96
N ALA B 116 -17.22 7.91 -6.22
CA ALA B 116 -18.57 7.63 -6.70
C ALA B 116 -19.47 8.87 -6.75
N LEU B 117 -19.11 9.91 -5.99
CA LEU B 117 -19.86 11.16 -6.02
C LEU B 117 -19.73 11.81 -7.40
N PRO B 118 -20.84 12.31 -7.93
CA PRO B 118 -20.89 12.76 -9.34
C PRO B 118 -19.89 13.86 -9.68
N GLY B 119 -19.72 14.84 -8.79
CA GLY B 119 -18.82 15.94 -9.08
C GLY B 119 -17.36 15.70 -8.73
N MET B 120 -17.08 14.56 -8.10
CA MET B 120 -15.76 14.26 -7.54
C MET B 120 -14.58 14.54 -8.46
N THR B 121 -13.51 15.11 -7.91
CA THR B 121 -12.31 15.43 -8.68
C THR B 121 -11.04 15.01 -7.95
N GLY B 122 -10.00 14.71 -8.72
CA GLY B 122 -8.74 14.29 -8.16
C GLY B 122 -8.28 15.10 -6.96
N SER B 123 -8.16 16.42 -7.15
CA SER B 123 -7.56 17.28 -6.15
C SER B 123 -8.43 17.51 -4.92
N ALA B 124 -9.68 17.08 -4.97
CA ALA B 124 -10.52 17.13 -3.78
C ALA B 124 -10.36 15.81 -3.04
N ARG B 125 -10.30 14.71 -3.79
CA ARG B 125 -9.98 13.42 -3.22
C ARG B 125 -8.73 13.61 -2.36
N CYS B 126 -7.73 14.25 -2.95
CA CYS B 126 -6.47 14.49 -2.28
C CYS B 126 -6.65 15.32 -1.00
N ALA B 127 -7.18 16.53 -1.14
CA ALA B 127 -7.34 17.44 -0.01
C ALA B 127 -8.22 16.85 1.10
N ILE B 128 -9.28 16.15 0.73
CA ILE B 128 -10.11 15.47 1.72
C ILE B 128 -9.33 14.36 2.44
N GLU B 129 -8.63 13.54 1.67
CA GLU B 129 -7.90 12.42 2.25
C GLU B 129 -6.76 12.92 3.13
N THR B 130 -6.08 13.97 2.68
CA THR B 130 -5.02 14.56 3.48
C THR B 130 -5.55 15.08 4.81
N ALA B 131 -6.67 15.81 4.74
CA ALA B 131 -7.28 16.39 5.93
C ALA B 131 -7.71 15.32 6.93
N ILE B 132 -8.09 14.15 6.41
CA ILE B 132 -8.58 13.07 7.26
C ILE B 132 -7.41 12.37 7.93
N LEU B 133 -6.37 12.08 7.16
CA LEU B 133 -5.17 11.45 7.71
C LEU B 133 -4.44 12.39 8.64
N ASP B 134 -4.51 13.69 8.38
CA ASP B 134 -3.87 14.66 9.26
C ASP B 134 -4.57 14.73 10.61
N ALA B 135 -5.88 14.57 10.61
CA ALA B 135 -6.62 14.57 11.86
C ALA B 135 -6.31 13.29 12.64
N LEU B 136 -6.40 12.16 11.96
CA LEU B 136 -6.15 10.85 12.56
C LEU B 136 -4.78 10.80 13.23
N THR B 137 -3.76 11.29 12.53
CA THR B 137 -2.39 11.23 13.02
C THR B 137 -2.01 12.41 13.93
N ARG B 138 -2.61 13.58 13.71
CA ARG B 138 -2.44 14.70 14.63
C ARG B 138 -2.84 14.26 16.01
N ARG B 139 -3.98 13.59 16.07
CA ARG B 139 -4.56 13.14 17.32
C ARG B 139 -3.70 12.04 17.96
N ALA B 140 -3.13 11.19 17.13
CA ALA B 140 -2.34 10.05 17.63
C ALA B 140 -0.92 10.46 17.97
N ARG B 141 -0.55 11.71 17.67
CA ARG B 141 0.82 12.16 17.84
C ARG B 141 1.77 11.27 17.04
N LEU B 142 1.58 11.27 15.72
CA LEU B 142 2.22 10.33 14.82
C LEU B 142 2.65 11.10 13.58
N PRO B 143 3.94 11.36 13.44
CA PRO B 143 4.34 12.00 12.19
C PRO B 143 3.74 11.28 10.97
N LEU B 144 3.31 12.05 9.99
CA LEU B 144 2.69 11.49 8.81
C LEU B 144 3.69 10.64 8.02
N TRP B 145 4.96 11.04 8.06
CA TRP B 145 6.00 10.24 7.42
C TRP B 145 6.17 8.91 8.15
N ALA B 146 5.81 8.88 9.43
CA ALA B 146 5.86 7.66 10.21
C ALA B 146 4.67 6.80 9.83
N PHE B 147 3.54 7.44 9.59
CA PHE B 147 2.37 6.71 9.15
C PHE B 147 2.65 5.98 7.84
N PHE B 148 3.38 6.66 6.95
CA PHE B 148 3.66 6.14 5.61
C PHE B 148 4.80 5.13 5.57
N GLY B 149 5.42 4.87 6.73
CA GLY B 149 6.46 3.85 6.80
C GLY B 149 7.68 4.21 7.62
N GLY B 150 8.15 5.44 7.49
CA GLY B 150 9.31 5.88 8.24
C GLY B 150 10.62 5.44 7.63
N ALA B 151 10.58 5.04 6.36
CA ALA B 151 11.80 4.65 5.64
C ALA B 151 12.88 5.72 5.75
N ALA B 152 12.49 6.97 5.54
CA ALA B 152 13.40 8.09 5.70
C ALA B 152 12.70 9.29 6.35
N THR B 153 13.46 10.34 6.63
CA THR B 153 12.93 11.55 7.25
C THR B 153 13.49 12.79 6.56
N SER B 154 14.17 12.58 5.44
CA SER B 154 14.65 13.68 4.62
C SER B 154 14.62 13.26 3.16
N LEU B 155 14.72 14.24 2.26
CA LEU B 155 14.70 13.98 0.83
C LEU B 155 15.63 14.95 0.13
N GLU B 156 16.07 14.60 -1.07
CA GLU B 156 16.85 15.53 -1.86
C GLU B 156 16.06 15.93 -3.09
N THR B 157 15.59 17.17 -3.10
CA THR B 157 14.71 17.66 -4.16
C THR B 157 15.50 18.28 -5.30
N ASP B 158 14.94 18.21 -6.50
CA ASP B 158 15.46 18.95 -7.63
C ASP B 158 14.65 20.23 -7.75
N VAL B 159 15.05 21.10 -8.67
CA VAL B 159 14.34 22.36 -8.87
C VAL B 159 14.09 22.57 -10.36
N THR B 160 12.93 23.10 -10.69
CA THR B 160 12.50 23.23 -12.07
C THR B 160 13.00 24.51 -12.71
N ILE B 161 13.33 24.42 -13.99
CA ILE B 161 13.65 25.60 -14.80
C ILE B 161 12.66 25.72 -15.96
N THR B 162 11.87 26.79 -15.95
CA THR B 162 10.86 27.01 -16.97
C THR B 162 11.47 27.28 -18.35
N THR B 163 10.64 27.18 -19.37
CA THR B 163 11.11 27.35 -20.74
C THR B 163 11.05 28.83 -21.14
N GLY B 164 12.22 29.44 -21.27
CA GLY B 164 12.30 30.84 -21.66
C GLY B 164 13.41 31.09 -22.67
N SER B 165 14.24 32.09 -22.39
CA SER B 165 15.41 32.36 -23.21
C SER B 165 16.56 31.49 -22.73
N VAL B 166 17.68 31.52 -23.46
CA VAL B 166 18.88 30.79 -23.05
C VAL B 166 19.56 31.48 -21.89
N THR B 167 19.57 32.81 -21.92
CA THR B 167 20.10 33.59 -20.81
C THR B 167 19.45 33.18 -19.50
N ALA B 168 18.12 33.22 -19.47
CA ALA B 168 17.37 32.90 -18.26
C ALA B 168 17.63 31.49 -17.75
N ALA B 169 17.82 30.54 -18.67
CA ALA B 169 18.09 29.16 -18.29
C ALA B 169 19.38 29.05 -17.49
N ALA B 170 20.40 29.78 -17.92
CA ALA B 170 21.69 29.79 -17.24
C ALA B 170 21.60 30.60 -15.95
N ARG B 171 20.89 31.72 -16.03
CA ARG B 171 20.69 32.57 -14.86
C ARG B 171 20.01 31.72 -13.79
N ALA B 172 18.97 31.00 -14.20
CA ALA B 172 18.25 30.11 -13.30
C ALA B 172 19.18 29.03 -12.75
N ALA B 173 19.92 28.40 -13.67
CA ALA B 173 20.86 27.34 -13.30
C ALA B 173 21.92 27.80 -12.30
N GLN B 174 22.32 29.06 -12.39
CA GLN B 174 23.28 29.60 -11.44
C GLN B 174 22.67 29.74 -10.04
N ALA B 175 21.43 30.21 -9.98
CA ALA B 175 20.73 30.33 -8.71
C ALA B 175 20.56 28.94 -8.09
N ILE B 176 20.30 27.94 -8.93
CA ILE B 176 20.13 26.57 -8.48
C ILE B 176 21.41 26.08 -7.82
N VAL B 177 22.50 26.08 -8.58
CA VAL B 177 23.79 25.64 -8.09
C VAL B 177 24.11 26.31 -6.75
N ALA B 178 23.86 27.62 -6.69
CA ALA B 178 24.10 28.38 -5.47
C ALA B 178 23.31 27.82 -4.28
N ARG B 179 22.11 27.32 -4.53
CA ARG B 179 21.28 26.78 -3.47
C ARG B 179 21.80 25.45 -2.92
N GLY B 180 22.51 24.70 -3.75
CA GLY B 180 23.03 23.41 -3.34
C GLY B 180 22.26 22.26 -3.95
N VAL B 181 21.33 22.58 -4.84
CA VAL B 181 20.55 21.59 -5.56
C VAL B 181 21.40 20.95 -6.65
N THR B 182 21.37 19.62 -6.72
CA THR B 182 22.24 18.89 -7.65
C THR B 182 21.49 18.34 -8.87
N THR B 183 20.19 18.10 -8.72
CA THR B 183 19.37 17.71 -9.86
C THR B 183 18.57 18.92 -10.32
N ILE B 184 18.45 19.10 -11.63
CA ILE B 184 17.57 20.14 -12.15
C ILE B 184 16.64 19.61 -13.23
N LYS B 185 15.38 19.99 -13.14
CA LYS B 185 14.39 19.60 -14.13
C LYS B 185 14.24 20.71 -15.15
N ILE B 186 14.33 20.35 -16.42
CA ILE B 186 14.30 21.32 -17.50
C ILE B 186 13.04 21.19 -18.36
N LYS B 187 12.19 22.23 -18.36
CA LYS B 187 10.98 22.23 -19.16
C LYS B 187 11.31 22.45 -20.63
N ILE B 188 10.54 21.81 -21.52
CA ILE B 188 10.75 21.95 -22.96
C ILE B 188 9.47 21.71 -23.78
N GLY B 189 9.40 22.27 -24.98
CA GLY B 189 8.36 21.95 -25.94
C GLY B 189 6.99 22.55 -25.67
N ALA B 190 5.94 21.75 -25.91
CA ALA B 190 4.56 22.12 -25.59
C ALA B 190 3.52 21.19 -26.22
N GLY B 191 3.70 20.85 -27.49
CA GLY B 191 2.76 20.00 -28.21
C GLY B 191 3.05 19.85 -29.69
N THR B 196 5.83 21.88 -33.24
CA THR B 196 7.23 21.53 -33.10
C THR B 196 7.98 21.79 -34.40
N THR B 197 9.32 21.85 -34.33
CA THR B 197 10.15 22.02 -35.51
C THR B 197 11.53 21.41 -35.28
N ILE B 198 12.52 21.96 -35.97
CA ILE B 198 13.92 21.63 -35.71
C ILE B 198 14.58 22.85 -35.04
N ARG B 199 13.93 23.99 -35.19
CA ARG B 199 14.41 25.24 -34.61
C ARG B 199 13.95 25.38 -33.15
N THR B 200 12.70 25.02 -32.89
CA THR B 200 12.20 24.98 -31.51
C THR B 200 13.07 24.02 -30.71
N MET B 201 13.45 22.92 -31.34
CA MET B 201 14.30 21.92 -30.71
C MET B 201 15.73 22.40 -30.51
N GLU B 202 16.24 23.14 -31.49
CA GLU B 202 17.60 23.64 -31.39
C GLU B 202 17.70 24.77 -30.37
N HIS B 203 16.57 25.43 -30.11
CA HIS B 203 16.49 26.42 -29.04
C HIS B 203 16.42 25.73 -27.69
N ASP B 204 15.56 24.69 -27.60
CA ASP B 204 15.46 23.90 -26.39
C ASP B 204 16.79 23.20 -26.11
N LEU B 205 17.49 22.83 -27.16
CA LEU B 205 18.82 22.23 -27.05
C LEU B 205 19.83 23.26 -26.59
N ALA B 206 19.71 24.47 -27.12
CA ALA B 206 20.60 25.57 -26.74
C ALA B 206 20.52 25.82 -25.25
N ARG B 207 19.29 25.80 -24.72
CA ARG B 207 19.07 26.00 -23.29
C ARG B 207 19.76 24.92 -22.45
N ILE B 208 19.54 23.66 -22.81
CA ILE B 208 20.08 22.53 -22.04
C ILE B 208 21.61 22.55 -22.00
N VAL B 209 22.23 22.96 -23.10
CA VAL B 209 23.68 23.07 -23.14
C VAL B 209 24.13 24.08 -22.08
N ALA B 210 23.73 25.33 -22.27
CA ALA B 210 24.06 26.40 -21.32
C ALA B 210 23.87 25.93 -19.88
N ILE B 211 22.80 25.19 -19.65
CA ILE B 211 22.49 24.69 -18.31
C ILE B 211 23.49 23.67 -17.81
N ARG B 212 23.89 22.74 -18.69
CA ARG B 212 24.92 21.78 -18.31
C ARG B 212 26.24 22.50 -18.02
N ASP B 213 26.54 23.50 -18.83
CA ASP B 213 27.77 24.27 -18.66
C ASP B 213 27.84 24.89 -17.27
N VAL B 214 26.73 25.51 -16.84
CA VAL B 214 26.67 26.09 -15.51
C VAL B 214 26.57 25.02 -14.43
N ALA B 215 26.14 23.82 -14.83
CA ALA B 215 26.00 22.70 -13.91
C ALA B 215 26.51 21.40 -14.53
N PRO B 216 27.84 21.24 -14.57
CA PRO B 216 28.52 20.13 -15.24
C PRO B 216 28.30 18.79 -14.57
N THR B 217 28.08 18.79 -13.25
CA THR B 217 27.91 17.54 -12.52
C THR B 217 26.48 17.38 -12.00
N ALA B 218 25.58 18.24 -12.45
CA ALA B 218 24.19 18.17 -12.04
C ALA B 218 23.47 17.02 -12.74
N ARG B 219 22.58 16.35 -12.02
CA ARG B 219 21.71 15.37 -12.64
C ARG B 219 20.63 16.13 -13.37
N LEU B 220 20.43 15.82 -14.65
CA LEU B 220 19.46 16.54 -15.48
C LEU B 220 18.21 15.72 -15.77
N ILE B 221 17.05 16.32 -15.56
CA ILE B 221 15.79 15.71 -15.93
C ILE B 221 15.15 16.53 -17.04
N LEU B 222 14.65 15.84 -18.06
CA LEU B 222 13.92 16.49 -19.14
C LEU B 222 12.41 16.33 -18.96
N ASP B 223 11.68 17.44 -18.97
CA ASP B 223 10.23 17.40 -18.79
C ASP B 223 9.50 17.67 -20.10
N GLY B 224 9.34 16.63 -20.92
CA GLY B 224 8.73 16.76 -22.23
C GLY B 224 7.35 17.39 -22.22
N ASN B 225 6.58 17.08 -21.18
CA ASN B 225 5.25 17.67 -21.01
C ASN B 225 4.31 17.42 -22.19
N CYS B 226 4.32 16.20 -22.72
CA CYS B 226 3.44 15.83 -23.83
C CYS B 226 3.62 16.71 -25.06
N GLY B 227 4.86 16.99 -25.42
CA GLY B 227 5.12 17.89 -26.52
C GLY B 227 5.95 17.31 -27.65
N TYR B 228 6.16 16.00 -27.62
CA TYR B 228 7.03 15.36 -28.60
C TYR B 228 6.44 14.13 -29.24
N THR B 229 6.83 13.87 -30.48
CA THR B 229 6.54 12.61 -31.11
C THR B 229 7.70 11.69 -30.80
N ALA B 230 7.46 10.38 -30.82
CA ALA B 230 8.54 9.42 -30.56
C ALA B 230 9.81 9.75 -31.34
N PRO B 231 9.67 10.15 -32.63
CA PRO B 231 10.82 10.54 -33.45
C PRO B 231 11.42 11.88 -33.03
N ASP B 232 10.62 12.93 -33.04
CA ASP B 232 11.07 14.25 -32.57
C ASP B 232 11.78 14.12 -31.24
N ALA B 233 11.13 13.47 -30.29
CA ALA B 233 11.71 13.20 -28.98
C ALA B 233 13.09 12.58 -29.15
N LEU B 234 13.21 11.68 -30.11
CA LEU B 234 14.47 11.00 -30.36
C LEU B 234 15.52 11.86 -31.05
N ARG B 235 15.09 12.61 -32.08
CA ARG B 235 15.99 13.51 -32.77
C ARG B 235 16.77 14.32 -31.73
N LEU B 236 16.04 14.96 -30.82
CA LEU B 236 16.64 15.81 -29.80
C LEU B 236 17.66 15.11 -28.92
N LEU B 237 17.38 13.87 -28.56
CA LEU B 237 18.30 13.10 -27.71
C LEU B 237 19.65 12.91 -28.36
N ASP B 238 19.69 13.04 -29.69
CA ASP B 238 20.93 12.88 -30.44
C ASP B 238 21.70 14.19 -30.48
N MET B 239 20.97 15.29 -30.66
CA MET B 239 21.57 16.61 -30.57
C MET B 239 22.28 16.72 -29.22
N LEU B 240 21.58 16.27 -28.19
CA LEU B 240 22.10 16.29 -26.83
C LEU B 240 23.23 15.26 -26.66
N GLY B 241 23.17 14.18 -27.41
CA GLY B 241 24.22 13.18 -27.38
C GLY B 241 25.48 13.70 -28.04
N VAL B 242 25.29 14.51 -29.09
CA VAL B 242 26.40 15.14 -29.78
C VAL B 242 27.16 16.08 -28.87
N HIS B 243 26.43 16.93 -28.14
CA HIS B 243 27.04 17.83 -27.18
C HIS B 243 27.43 17.13 -25.89
N GLY B 244 27.33 15.81 -25.88
CA GLY B 244 27.77 15.00 -24.75
C GLY B 244 26.83 14.99 -23.55
N ILE B 245 25.56 15.29 -23.79
CA ILE B 245 24.55 15.28 -22.74
C ILE B 245 23.64 14.06 -22.84
N VAL B 246 23.57 13.30 -21.75
CA VAL B 246 22.65 12.17 -21.68
C VAL B 246 21.76 12.29 -20.44
N PRO B 247 20.57 12.90 -20.61
CA PRO B 247 19.65 13.18 -19.51
C PRO B 247 19.49 12.00 -18.57
N ALA B 248 19.33 12.29 -17.28
CA ALA B 248 19.11 11.25 -16.28
C ALA B 248 17.71 10.69 -16.41
N LEU B 249 16.86 11.39 -17.15
CA LEU B 249 15.48 10.98 -17.32
C LEU B 249 14.75 11.90 -18.29
N PHE B 250 13.97 11.30 -19.19
CA PHE B 250 13.08 12.06 -20.05
C PHE B 250 11.67 11.80 -19.55
N GLU B 251 11.04 12.81 -18.97
CA GLU B 251 9.73 12.65 -18.39
C GLU B 251 8.63 13.03 -19.39
N GLN B 252 7.85 12.04 -19.81
CA GLN B 252 6.68 12.28 -20.65
C GLN B 252 6.99 13.04 -21.93
N PRO B 253 7.83 12.45 -22.78
CA PRO B 253 8.16 13.04 -24.09
C PRO B 253 6.92 13.17 -24.97
N VAL B 254 6.31 12.03 -25.28
CA VAL B 254 5.15 11.96 -26.17
C VAL B 254 3.88 12.42 -25.46
N ALA B 255 2.74 12.22 -26.13
CA ALA B 255 1.46 12.71 -25.61
C ALA B 255 0.77 11.70 -24.71
N LYS B 256 -0.17 12.18 -23.90
CA LYS B 256 -0.85 11.36 -22.90
C LYS B 256 -1.37 10.03 -23.43
N ASP B 257 -1.94 10.03 -24.63
CA ASP B 257 -2.58 8.84 -25.18
C ASP B 257 -1.62 8.07 -26.08
N ASP B 258 -0.34 8.37 -25.95
CA ASP B 258 0.68 7.82 -26.83
C ASP B 258 1.50 6.80 -26.07
N GLU B 259 0.83 5.87 -25.38
CA GLU B 259 1.51 4.83 -24.62
C GLU B 259 2.27 3.88 -25.54
N GLU B 260 2.38 4.29 -26.80
CA GLU B 260 3.06 3.52 -27.83
C GLU B 260 4.40 4.18 -28.10
N GLY B 261 4.38 5.50 -28.26
CA GLY B 261 5.60 6.28 -28.35
C GLY B 261 6.44 6.04 -27.11
N LEU B 262 5.79 6.14 -25.95
CA LEU B 262 6.42 5.79 -24.69
C LEU B 262 7.07 4.42 -24.79
N ARG B 263 6.24 3.40 -24.96
CA ARG B 263 6.73 2.03 -25.10
C ARG B 263 7.89 1.99 -26.09
N ARG B 264 7.74 2.73 -27.18
CA ARG B 264 8.77 2.81 -28.20
C ARG B 264 10.06 3.38 -27.60
N LEU B 265 10.05 4.69 -27.32
CA LEU B 265 11.19 5.38 -26.74
C LEU B 265 11.90 4.57 -25.65
N THR B 266 11.13 3.80 -24.90
CA THR B 266 11.67 3.01 -23.80
C THR B 266 12.53 1.85 -24.29
N ALA B 267 12.13 1.26 -25.41
CA ALA B 267 12.81 0.08 -25.95
C ALA B 267 14.22 0.40 -26.45
N THR B 268 14.42 1.62 -26.95
CA THR B 268 15.74 2.06 -27.37
C THR B 268 16.55 2.43 -26.14
N ARG B 269 16.72 1.47 -25.23
CA ARG B 269 17.24 1.68 -23.87
C ARG B 269 18.35 2.71 -23.67
N ARG B 270 18.15 3.96 -24.10
CA ARG B 270 19.22 4.96 -24.00
C ARG B 270 19.00 6.08 -22.99
N VAL B 271 17.74 6.37 -22.66
CA VAL B 271 17.44 7.29 -21.57
C VAL B 271 16.20 6.80 -20.87
N PRO B 272 16.20 6.86 -19.52
CA PRO B 272 15.03 6.44 -18.74
C PRO B 272 13.79 7.28 -19.06
N VAL B 273 12.67 6.63 -19.36
CA VAL B 273 11.42 7.33 -19.69
C VAL B 273 10.44 7.26 -18.54
N ALA B 274 9.92 8.40 -18.14
CA ALA B 274 8.95 8.44 -17.04
C ALA B 274 7.55 8.81 -17.53
N ALA B 275 6.55 8.10 -17.02
CA ALA B 275 5.16 8.44 -17.30
C ALA B 275 4.68 9.43 -16.26
N ASP B 276 4.10 10.55 -16.71
CA ASP B 276 3.52 11.52 -15.80
C ASP B 276 2.01 11.62 -16.04
N GLU B 277 1.64 12.40 -17.05
CA GLU B 277 0.23 12.59 -17.41
C GLU B 277 -0.45 11.24 -17.61
N SER B 278 0.28 10.31 -18.22
CA SER B 278 -0.28 9.03 -18.61
C SER B 278 -0.68 8.15 -17.43
N VAL B 279 0.07 8.25 -16.33
CA VAL B 279 -0.23 7.46 -15.14
C VAL B 279 -1.00 8.29 -14.09
N ALA B 280 -2.27 7.95 -13.88
CA ALA B 280 -3.10 8.68 -12.92
C ALA B 280 -4.00 7.74 -12.12
N SER B 281 -3.73 6.45 -12.22
CA SER B 281 -4.44 5.45 -11.41
C SER B 281 -3.56 4.22 -11.23
N ALA B 282 -3.89 3.42 -10.21
CA ALA B 282 -3.19 2.16 -10.03
C ALA B 282 -3.34 1.35 -11.31
N THR B 283 -4.40 1.64 -12.06
CA THR B 283 -4.73 0.86 -13.24
C THR B 283 -3.84 1.24 -14.43
N ASP B 284 -3.64 2.55 -14.63
CA ASP B 284 -2.75 3.02 -15.66
C ASP B 284 -1.39 2.42 -15.36
N ALA B 285 -1.00 2.54 -14.09
CA ALA B 285 0.29 2.06 -13.63
C ALA B 285 0.50 0.58 -13.90
N ALA B 286 -0.53 -0.22 -13.65
CA ALA B 286 -0.44 -1.65 -13.91
C ALA B 286 -0.21 -1.87 -15.40
N ARG B 287 -0.98 -1.18 -16.22
CA ARG B 287 -0.87 -1.29 -17.67
C ARG B 287 0.51 -0.85 -18.17
N LEU B 288 0.92 0.36 -17.82
CA LEU B 288 2.24 0.87 -18.18
C LEU B 288 3.34 -0.15 -17.88
N ALA B 289 3.33 -0.69 -16.67
CA ALA B 289 4.31 -1.68 -16.27
C ALA B 289 4.21 -2.93 -17.13
N ARG B 290 2.97 -3.32 -17.42
CA ARG B 290 2.68 -4.53 -18.20
C ARG B 290 3.26 -4.42 -19.61
N ASN B 291 3.11 -3.24 -20.23
CA ASN B 291 3.53 -3.05 -21.61
C ASN B 291 4.96 -2.50 -21.71
N ALA B 292 5.67 -2.53 -20.59
CA ALA B 292 7.03 -1.98 -20.53
C ALA B 292 7.10 -0.64 -21.25
N ALA B 293 6.16 0.24 -20.92
CA ALA B 293 6.04 1.52 -21.59
C ALA B 293 6.98 2.58 -21.01
N VAL B 294 7.32 2.44 -19.73
CA VAL B 294 8.17 3.41 -19.05
C VAL B 294 9.09 2.73 -18.06
N ASP B 295 10.11 3.45 -17.60
CA ASP B 295 11.06 2.95 -16.63
C ASP B 295 10.73 3.56 -15.28
N VAL B 296 10.05 4.70 -15.31
CA VAL B 296 9.80 5.50 -14.13
C VAL B 296 8.35 5.97 -14.08
N LEU B 297 7.74 5.88 -12.91
CA LEU B 297 6.40 6.43 -12.68
C LEU B 297 6.50 7.69 -11.83
N ASN B 298 5.82 8.74 -12.26
CA ASN B 298 5.73 9.95 -11.47
C ASN B 298 4.41 9.97 -10.70
N ILE B 299 4.51 9.89 -9.38
CA ILE B 299 3.33 9.94 -8.52
C ILE B 299 3.02 11.36 -8.08
N LYS B 300 1.74 11.74 -8.18
CA LYS B 300 1.27 13.00 -7.62
C LYS B 300 -0.01 12.75 -6.84
N LEU B 301 0.04 12.97 -5.53
CA LEU B 301 -1.14 12.78 -4.71
C LEU B 301 -2.33 13.61 -5.23
N MET B 302 -2.04 14.80 -5.76
CA MET B 302 -3.09 15.73 -6.21
C MET B 302 -3.88 15.18 -7.38
N LYS B 303 -3.30 14.19 -8.07
CA LYS B 303 -3.96 13.56 -9.21
C LYS B 303 -5.05 12.55 -8.81
N CYS B 304 -4.79 11.79 -7.75
CA CYS B 304 -5.58 10.59 -7.45
C CYS B 304 -5.82 10.39 -5.95
N GLY B 305 -5.08 11.09 -5.11
CA GLY B 305 -5.21 10.93 -3.69
C GLY B 305 -4.21 9.94 -3.13
N ILE B 306 -4.23 9.77 -1.81
CA ILE B 306 -3.23 8.98 -1.11
C ILE B 306 -3.47 7.46 -1.23
N VAL B 307 -4.64 7.00 -0.81
CA VAL B 307 -4.99 5.59 -0.89
C VAL B 307 -4.64 5.00 -2.25
N GLU B 308 -4.90 5.78 -3.30
CA GLU B 308 -4.60 5.35 -4.66
C GLU B 308 -3.10 5.36 -4.95
N ALA B 309 -2.42 6.39 -4.47
CA ALA B 309 -0.97 6.53 -4.67
C ALA B 309 -0.23 5.36 -4.03
N LEU B 310 -0.72 4.93 -2.88
CA LEU B 310 -0.12 3.79 -2.19
C LEU B 310 -0.13 2.57 -3.09
N ASP B 311 -1.21 2.40 -3.86
CA ASP B 311 -1.32 1.25 -4.75
C ASP B 311 -0.41 1.43 -5.95
N ILE B 312 -0.34 2.63 -6.49
CA ILE B 312 0.60 2.91 -7.58
C ILE B 312 2.02 2.63 -7.08
N ALA B 313 2.33 3.08 -5.87
CA ALA B 313 3.63 2.83 -5.29
C ALA B 313 3.94 1.33 -5.25
N ALA B 314 2.99 0.53 -4.77
CA ALA B 314 3.20 -0.91 -4.64
C ALA B 314 3.42 -1.57 -5.99
N ILE B 315 2.66 -1.13 -6.99
CA ILE B 315 2.76 -1.68 -8.34
C ILE B 315 4.11 -1.36 -8.97
N ALA B 316 4.61 -0.15 -8.74
CA ALA B 316 5.90 0.24 -9.26
C ALA B 316 7.01 -0.58 -8.61
N ARG B 317 7.01 -0.61 -7.29
CA ARG B 317 7.95 -1.42 -6.53
C ARG B 317 8.03 -2.84 -7.07
N THR B 318 6.87 -3.50 -7.17
CA THR B 318 6.84 -4.91 -7.56
C THR B 318 7.25 -5.14 -9.01
N ALA B 319 6.92 -4.21 -9.89
CA ALA B 319 7.28 -4.34 -11.29
C ALA B 319 8.70 -3.85 -11.48
N GLY B 320 9.27 -3.28 -10.43
CA GLY B 320 10.61 -2.74 -10.53
C GLY B 320 10.69 -1.51 -11.42
N LEU B 321 9.61 -0.74 -11.47
CA LEU B 321 9.67 0.60 -12.04
C LEU B 321 10.18 1.55 -10.95
N HIS B 322 10.90 2.58 -11.35
CA HIS B 322 11.40 3.55 -10.38
C HIS B 322 10.37 4.65 -10.13
N LEU B 323 10.54 5.37 -9.04
CA LEU B 323 9.52 6.32 -8.62
C LEU B 323 9.99 7.77 -8.60
N MET B 324 9.21 8.64 -9.24
CA MET B 324 9.40 10.08 -9.05
C MET B 324 8.20 10.56 -8.26
N ILE B 325 8.44 11.49 -7.34
CA ILE B 325 7.36 12.16 -6.64
C ILE B 325 7.27 13.62 -7.10
N GLY B 326 6.05 14.11 -7.28
CA GLY B 326 5.87 15.46 -7.74
C GLY B 326 4.62 16.11 -7.20
N GLY B 327 4.21 17.20 -7.85
CA GLY B 327 3.02 17.90 -7.44
C GLY B 327 2.61 18.93 -8.47
N MET B 328 1.47 19.56 -8.24
CA MET B 328 1.02 20.65 -9.10
C MET B 328 1.63 21.95 -8.61
N VAL B 329 0.85 23.02 -8.60
CA VAL B 329 1.26 24.25 -7.97
C VAL B 329 0.74 24.24 -6.53
N GLU B 330 1.59 23.79 -5.60
CA GLU B 330 1.15 23.53 -4.22
C GLU B 330 1.97 24.28 -3.20
N SER B 331 1.36 24.55 -2.04
CA SER B 331 2.03 25.25 -0.97
C SER B 331 2.88 24.31 -0.13
N LEU B 332 3.15 24.70 1.10
CA LEU B 332 3.91 23.85 2.01
C LEU B 332 3.09 22.66 2.49
N LEU B 333 1.77 22.77 2.39
CA LEU B 333 0.88 21.76 2.93
C LEU B 333 0.86 20.51 2.05
N ALA B 334 0.49 20.68 0.78
CA ALA B 334 0.42 19.54 -0.14
C ALA B 334 1.81 18.99 -0.41
N MET B 335 2.81 19.87 -0.34
CA MET B 335 4.20 19.47 -0.60
C MET B 335 4.81 18.73 0.59
N THR B 336 4.47 19.11 1.80
CA THR B 336 4.90 18.37 2.98
C THR B 336 4.30 16.96 2.96
N VAL B 337 2.98 16.88 2.79
CA VAL B 337 2.32 15.58 2.70
C VAL B 337 2.98 14.70 1.64
N SER B 338 3.43 15.33 0.55
CA SER B 338 4.09 14.60 -0.53
C SER B 338 5.44 14.04 -0.08
N ALA B 339 6.20 14.84 0.67
CA ALA B 339 7.49 14.39 1.20
C ALA B 339 7.33 13.32 2.28
N CYS B 340 6.35 13.47 3.15
CA CYS B 340 6.07 12.46 4.15
C CYS B 340 5.66 11.17 3.50
N PHE B 341 5.05 11.28 2.32
CA PHE B 341 4.67 10.11 1.55
C PHE B 341 5.91 9.41 0.99
N ALA B 342 6.72 10.15 0.24
CA ALA B 342 7.91 9.61 -0.40
C ALA B 342 8.98 9.12 0.59
N ALA B 343 9.28 9.94 1.60
CA ALA B 343 10.22 9.53 2.64
C ALA B 343 9.64 8.38 3.44
N GLY B 344 8.42 8.55 3.95
CA GLY B 344 7.77 7.48 4.68
C GLY B 344 7.86 6.15 3.96
N GLN B 345 7.56 6.16 2.66
CA GLN B 345 7.57 4.96 1.85
C GLN B 345 8.99 4.54 1.52
N GLY B 346 9.84 5.55 1.29
CA GLY B 346 11.18 5.30 0.78
C GLY B 346 11.09 4.74 -0.62
N GLY B 347 12.15 4.89 -1.40
CA GLY B 347 12.22 4.23 -2.69
C GLY B 347 12.02 5.13 -3.89
N PHE B 348 12.14 6.44 -3.67
CA PHE B 348 11.95 7.40 -4.74
C PHE B 348 13.27 7.93 -5.27
N ARG B 349 13.58 7.61 -6.53
CA ARG B 349 14.82 8.04 -7.16
C ARG B 349 14.82 9.52 -7.48
N PHE B 350 13.63 10.02 -7.85
CA PHE B 350 13.49 11.41 -8.24
C PHE B 350 12.46 12.10 -7.35
N VAL B 351 12.84 13.26 -6.83
CA VAL B 351 11.91 14.04 -6.02
C VAL B 351 11.86 15.47 -6.52
N ASP B 352 10.66 15.88 -6.93
CA ASP B 352 10.42 17.16 -7.57
C ASP B 352 9.46 17.99 -6.73
N LEU B 353 9.89 18.34 -5.53
CA LEU B 353 9.06 19.08 -4.59
C LEU B 353 9.57 20.51 -4.37
N ASP B 354 9.43 21.36 -5.39
CA ASP B 354 10.12 22.65 -5.42
C ASP B 354 9.23 23.91 -5.39
N THR B 355 7.93 23.77 -5.64
CA THR B 355 7.06 24.92 -5.82
C THR B 355 7.03 25.98 -4.71
N PRO B 356 7.19 25.56 -3.44
CA PRO B 356 7.23 26.57 -2.37
C PRO B 356 8.45 27.47 -2.46
N LEU B 357 9.39 27.12 -3.31
CA LEU B 357 10.56 27.96 -3.57
C LEU B 357 10.24 29.06 -4.59
N PHE B 358 9.04 29.00 -5.17
CA PHE B 358 8.64 29.94 -6.21
C PHE B 358 7.49 30.84 -5.77
N LEU B 359 6.70 30.36 -4.82
CA LEU B 359 5.58 31.14 -4.29
C LEU B 359 6.12 32.43 -3.69
N ALA B 360 5.27 33.45 -3.62
CA ALA B 360 5.71 34.74 -3.09
C ALA B 360 5.08 34.99 -1.73
N GLU B 361 4.36 34.00 -1.21
CA GLU B 361 3.76 34.08 0.12
C GLU B 361 3.73 32.70 0.75
N ASN B 362 3.64 32.65 2.06
CA ASN B 362 3.54 31.39 2.77
C ASN B 362 2.53 31.50 3.90
N PRO B 363 1.29 31.05 3.65
CA PRO B 363 0.16 31.24 4.55
C PRO B 363 0.18 30.28 5.73
N PHE B 364 1.22 29.47 5.86
CA PHE B 364 1.19 28.39 6.84
C PHE B 364 2.28 28.45 7.91
N ASP B 365 1.94 27.89 9.07
CA ASP B 365 2.92 27.59 10.10
C ASP B 365 3.25 26.10 10.03
N GLY B 366 4.52 25.76 10.21
CA GLY B 366 4.91 24.37 10.31
C GLY B 366 5.27 23.74 8.98
N GLY B 367 5.34 22.42 8.97
CA GLY B 367 5.65 21.67 7.76
C GLY B 367 7.12 21.49 7.47
N MET B 368 7.41 20.85 6.36
CA MET B 368 8.78 20.48 6.00
C MET B 368 9.69 21.69 5.90
N THR B 369 10.98 21.43 5.90
CA THR B 369 11.97 22.50 5.95
C THR B 369 13.02 22.30 4.86
N TYR B 370 13.44 23.39 4.23
CA TYR B 370 14.47 23.34 3.20
C TYR B 370 15.84 23.71 3.77
N HIS B 371 16.86 22.95 3.38
CA HIS B 371 18.24 23.34 3.63
C HIS B 371 18.99 23.10 2.34
N GLY B 372 19.10 24.15 1.54
CA GLY B 372 19.62 24.03 0.19
C GLY B 372 18.58 23.32 -0.67
N GLY B 373 18.89 22.09 -1.07
CA GLY B 373 17.94 21.26 -1.78
C GLY B 373 17.50 20.09 -0.94
N THR B 374 17.83 20.14 0.35
CA THR B 374 17.53 19.04 1.26
C THR B 374 16.29 19.31 2.09
N ILE B 375 15.25 18.52 1.86
CA ILE B 375 13.99 18.64 2.59
C ILE B 375 14.07 17.89 3.92
N ASP B 376 13.85 18.60 5.02
CA ASP B 376 13.95 18.02 6.36
C ASP B 376 12.58 17.86 7.03
N LEU B 377 12.31 16.67 7.55
CA LEU B 377 11.01 16.34 8.11
C LEU B 377 11.04 16.01 9.60
N THR B 378 12.20 16.16 10.23
CA THR B 378 12.39 15.66 11.59
C THR B 378 11.66 16.47 12.67
N LEU B 379 11.24 17.68 12.34
CA LEU B 379 10.55 18.52 13.30
C LEU B 379 9.03 18.32 13.29
N ILE B 380 8.55 17.51 12.36
CA ILE B 380 7.14 17.15 12.30
C ILE B 380 6.82 16.02 13.28
N GLU B 381 6.07 16.35 14.33
CA GLU B 381 5.81 15.35 15.36
C GLU B 381 4.38 14.82 15.42
N ALA B 382 3.45 15.50 14.74
CA ALA B 382 2.07 15.03 14.68
C ALA B 382 1.40 15.47 13.38
N GLY B 383 0.71 14.54 12.73
CA GLY B 383 0.16 14.83 11.42
C GLY B 383 1.27 15.26 10.47
N HIS B 384 0.99 16.26 9.65
CA HIS B 384 2.02 16.79 8.75
C HIS B 384 2.61 18.10 9.29
N GLY B 385 2.11 18.56 10.43
CA GLY B 385 2.69 19.69 11.12
C GLY B 385 2.30 21.04 10.57
N VAL B 386 1.51 21.05 9.51
CA VAL B 386 1.10 22.32 8.88
C VAL B 386 -0.28 22.80 9.35
N THR B 387 -0.34 24.07 9.74
CA THR B 387 -1.58 24.73 10.16
C THR B 387 -1.61 26.16 9.63
N PRO B 388 -2.82 26.70 9.43
CA PRO B 388 -3.05 28.07 8.91
C PRO B 388 -2.69 29.11 9.95
N ARG B 389 -2.31 30.32 9.54
CA ARG B 389 -1.76 31.26 10.51
C ARG B 389 -2.71 32.33 11.07
N SER B 390 -3.29 33.15 10.20
CA SER B 390 -3.95 34.40 10.60
C SER B 390 -2.98 35.58 10.52
N PRO B 391 -3.48 36.77 10.18
CA PRO B 391 -2.59 37.94 10.01
C PRO B 391 -2.37 38.71 11.31
S SO4 C . -4.45 -23.71 4.05
O1 SO4 C . -4.42 -22.88 5.25
O2 SO4 C . -4.59 -25.10 4.47
O3 SO4 C . -5.59 -23.36 3.20
O4 SO4 C . -3.21 -23.55 3.29
S SO4 D . 5.29 18.22 -14.26
O1 SO4 D . 5.57 19.52 -13.66
O2 SO4 D . 6.40 17.30 -14.02
O3 SO4 D . 4.09 17.65 -13.66
O4 SO4 D . 5.07 18.39 -15.69
#